data_6JEQ
#
_entry.id   6JEQ
#
_cell.length_a   50.108
_cell.length_b   97.866
_cell.length_c   141.027
_cell.angle_alpha   90.00
_cell.angle_beta   90.00
_cell.angle_gamma   90.00
#
_symmetry.space_group_name_H-M   'P 2 21 21'
#
loop_
_entity.id
_entity.type
_entity.pdbx_description
1 polymer Pulullanase
2 branched Cycloheptakis-(1-4)-(alpha-D-glucopyranose)
3 non-polymer IMIDAZOLE
4 non-polymer 'TRIETHYLENE GLYCOL'
5 non-polymer DI(HYDROXYETHYL)ETHER
6 non-polymer 'CALCIUM ION'
7 non-polymer 'CHLORIDE ION'
8 water water
#
_entity_poly.entity_id   1
_entity_poly.type   'polypeptide(L)'
_entity_poly.pdbx_seq_one_letter_code
;MLSVQKEFHGTIDYGDVTVTGGISVFDAKFDELYVYDGDDLGAVYAPEETRFRLWAPTASEAFVVLYETEDGMPVKELPM
KRDVQGTWTLTVAEDCGGLFYTYRVKVGEQWNEAVDPYAKAVGVNGTKTAILDLRSTNPEGWENDQKPPLASPTDAVIYE
LHVRDLSIHPQSGIREKGKFLGLTEEGTRGPNGIPTGLDHITGLGVTHVQLLPIYDYSQESVDESRLDEPHYNWGYDPQN
YNVPEGSYSTDPHNPAARILELKRLIQKLHARGLRVIMDVVYNHVYDGYLIHFTKLVPGYYLRYKADRTFSDGTFCGNEC
ASERPIMRKYIIESILHWVREYHIDGFRFDLMGMIDIETMNEIRRRLDEIDPTILTIGEGWMMETVLPKELRANQDNAEK
LPGIGMFNDGMRDAVKGDIFIFDRKGFISGGDGFEDGVKRGVAGGINYGGQLRQFAVEPVQSVNYVECHDNHTLWDKIEL
STPGASDEERRAMHRLASAIVLTSQGIPFLHAGQEFMRTKGGVENSYKSPIEVNWLDWERCAAHQDDVSYMRSLIALRKA
HPAFRLKTADEIRAHLRFEAAPPHTVAFTLRDHAGGDPDRHLYVLYNANPGALSLELPALGPWEVRFGGEHVLALEAGAS
GEAAAAAPAAAGGPPAGGARLEVRGVGVVVLAVPR
;
_entity_poly.pdbx_strand_id   A
#
# COMPACT_ATOMS: atom_id res chain seq x y z
N GLN A 5 19.84 9.24 -3.72
CA GLN A 5 19.22 10.04 -4.78
C GLN A 5 20.25 10.94 -5.47
N LYS A 6 21.00 11.72 -4.70
CA LYS A 6 21.89 12.73 -5.25
C LYS A 6 23.35 12.42 -4.92
N GLU A 7 24.25 13.13 -5.61
CA GLU A 7 25.67 13.05 -5.31
C GLU A 7 25.95 13.71 -3.98
N PHE A 8 26.72 13.03 -3.13
CA PHE A 8 26.95 13.49 -1.76
C PHE A 8 28.26 14.27 -1.71
N HIS A 9 28.15 15.59 -1.56
CA HIS A 9 29.33 16.43 -1.42
C HIS A 9 29.99 16.25 -0.06
N GLY A 10 30.52 15.06 0.20
CA GLY A 10 31.10 14.79 1.50
C GLY A 10 31.57 13.36 1.65
N THR A 11 32.01 13.06 2.85
CA THR A 11 32.71 11.83 3.19
C THR A 11 31.84 10.99 4.11
N ILE A 12 31.85 9.66 3.93
CA ILE A 12 31.31 8.74 4.94
C ILE A 12 32.49 8.09 5.65
N ASP A 13 32.53 8.23 6.97
CA ASP A 13 33.55 7.62 7.81
C ASP A 13 32.89 6.51 8.60
N TYR A 14 33.36 5.27 8.45
CA TYR A 14 32.68 4.14 9.05
C TYR A 14 33.09 3.87 10.49
N GLY A 15 34.01 4.65 11.04
CA GLY A 15 34.25 4.61 12.46
C GLY A 15 35.68 4.29 12.83
N ASP A 16 36.05 4.67 14.04
CA ASP A 16 37.29 4.24 14.68
C ASP A 16 37.04 2.84 15.24
N VAL A 17 37.60 1.80 14.61
CA VAL A 17 37.22 0.44 14.99
C VAL A 17 37.69 0.06 16.38
N THR A 18 38.60 0.84 16.99
CA THR A 18 38.94 0.55 18.39
C THR A 18 37.73 0.77 19.30
N VAL A 19 36.75 1.55 18.87
CA VAL A 19 35.57 1.79 19.69
C VAL A 19 34.75 0.52 19.86
N THR A 20 34.82 -0.39 18.88
CA THR A 20 34.02 -1.61 18.88
C THR A 20 34.92 -2.85 18.93
N GLY A 21 36.02 -2.75 19.66
CA GLY A 21 36.87 -3.90 19.89
C GLY A 21 37.56 -4.42 18.65
N GLY A 22 37.77 -3.57 17.64
CA GLY A 22 38.37 -3.98 16.40
C GLY A 22 37.41 -4.59 15.40
N ILE A 23 36.11 -4.62 15.69
CA ILE A 23 35.12 -5.26 14.84
C ILE A 23 34.45 -4.19 13.99
N SER A 24 34.48 -4.37 12.67
CA SER A 24 33.94 -3.37 11.75
C SER A 24 32.43 -3.53 11.63
N VAL A 25 31.75 -2.39 11.37
CA VAL A 25 30.30 -2.42 11.16
C VAL A 25 29.92 -3.33 10.00
N PHE A 26 30.85 -3.62 9.09
CA PHE A 26 30.57 -4.50 7.97
C PHE A 26 30.76 -5.98 8.32
N ASP A 27 31.51 -6.29 9.37
N ASP A 27 31.51 -6.28 9.36
CA ASP A 27 31.80 -7.67 9.72
CA ASP A 27 31.82 -7.68 9.69
C ASP A 27 30.53 -8.40 10.12
C ASP A 27 30.56 -8.42 10.15
N ALA A 28 30.49 -9.70 9.82
CA ALA A 28 29.34 -10.51 10.20
C ALA A 28 29.23 -10.67 11.72
N LYS A 29 30.37 -10.63 12.41
CA LYS A 29 30.36 -10.70 13.87
C LYS A 29 29.77 -9.44 14.52
N PHE A 30 29.69 -8.33 13.78
CA PHE A 30 29.14 -7.11 14.37
C PHE A 30 27.69 -7.29 14.79
N ASP A 31 26.94 -8.14 14.09
CA ASP A 31 25.50 -8.25 14.35
C ASP A 31 25.21 -8.77 15.74
N GLU A 32 26.09 -9.62 16.28
CA GLU A 32 25.84 -10.22 17.58
C GLU A 32 26.22 -9.30 18.74
N LEU A 33 26.90 -8.20 18.46
CA LEU A 33 27.18 -7.21 19.49
C LEU A 33 26.11 -6.12 19.44
N TYR A 34 25.91 -5.45 20.57
CA TYR A 34 25.05 -4.27 20.62
C TYR A 34 23.62 -4.54 20.14
N VAL A 35 23.03 -5.67 20.55
CA VAL A 35 21.63 -5.90 20.15
C VAL A 35 20.69 -5.46 21.27
N TYR A 36 20.39 -4.17 21.31
CA TYR A 36 19.54 -3.60 22.34
C TYR A 36 18.10 -4.08 22.16
N ASP A 37 17.47 -4.49 23.25
CA ASP A 37 16.12 -5.04 23.22
C ASP A 37 15.09 -4.18 23.94
N GLY A 38 15.45 -2.98 24.36
CA GLY A 38 14.53 -2.15 25.10
C GLY A 38 13.48 -1.48 24.22
N ASP A 39 12.43 -0.99 24.86
CA ASP A 39 11.30 -0.39 24.15
C ASP A 39 11.34 1.13 24.17
N ASP A 40 12.50 1.72 24.48
CA ASP A 40 12.57 3.14 24.79
C ASP A 40 13.53 3.89 23.86
N LEU A 41 13.85 3.34 22.68
CA LEU A 41 14.60 4.15 21.73
C LEU A 41 13.78 5.38 21.36
N GLY A 42 14.46 6.53 21.30
CA GLY A 42 13.81 7.78 20.98
C GLY A 42 13.77 8.70 22.18
N ALA A 43 12.77 9.58 22.24
CA ALA A 43 12.60 10.49 23.36
C ALA A 43 11.25 10.28 23.99
N VAL A 44 11.20 10.28 25.33
CA VAL A 44 9.96 10.17 26.07
C VAL A 44 9.78 11.45 26.87
N TYR A 45 8.73 12.20 26.55
CA TYR A 45 8.50 13.52 27.14
C TYR A 45 7.63 13.40 28.39
N ALA A 46 8.07 14.02 29.46
CA ALA A 46 7.30 14.21 30.68
C ALA A 46 7.42 15.67 31.08
N PRO A 47 6.48 16.19 31.86
CA PRO A 47 6.53 17.63 32.19
C PRO A 47 7.80 18.07 32.88
N GLU A 48 8.39 17.21 33.71
CA GLU A 48 9.59 17.56 34.46
C GLU A 48 10.89 17.11 33.80
N GLU A 49 10.83 16.16 32.87
CA GLU A 49 12.06 15.66 32.26
C GLU A 49 11.75 14.94 30.96
N THR A 50 12.70 14.96 30.03
CA THR A 50 12.63 14.17 28.80
C THR A 50 13.82 13.23 28.77
N ARG A 51 13.58 11.97 28.45
CA ARG A 51 14.59 10.92 28.44
CA ARG A 51 14.61 10.94 28.43
C ARG A 51 14.88 10.52 27.00
N PHE A 52 16.15 10.58 26.61
CA PHE A 52 16.59 10.23 25.27
C PHE A 52 17.39 8.94 25.30
N ARG A 53 17.18 8.08 24.30
CA ARG A 53 18.04 6.93 24.08
C ARG A 53 18.34 6.81 22.59
N LEU A 54 19.62 6.71 22.27
CA LEU A 54 20.10 6.64 20.90
C LEU A 54 20.94 5.39 20.76
N TRP A 55 20.71 4.62 19.69
CA TRP A 55 21.59 3.48 19.40
C TRP A 55 22.66 3.98 18.43
N ALA A 56 23.91 4.02 18.89
CA ALA A 56 25.02 4.48 18.05
C ALA A 56 26.32 3.82 18.52
N PRO A 57 26.48 2.53 18.25
CA PRO A 57 27.62 1.79 18.82
C PRO A 57 28.98 2.21 18.32
N THR A 58 29.08 2.72 17.10
CA THR A 58 30.39 3.06 16.54
C THR A 58 30.84 4.48 16.88
N ALA A 59 29.99 5.26 17.52
CA ALA A 59 30.33 6.62 17.87
C ALA A 59 31.22 6.66 19.12
N SER A 60 32.16 7.58 19.14
CA SER A 60 32.98 7.81 20.32
C SER A 60 32.37 8.84 21.26
N GLU A 61 31.51 9.73 20.76
CA GLU A 61 30.80 10.71 21.55
C GLU A 61 29.42 10.92 20.96
N ALA A 62 28.47 11.35 21.81
CA ALA A 62 27.12 11.63 21.37
C ALA A 62 26.52 12.75 22.21
N PHE A 63 25.74 13.62 21.56
CA PHE A 63 25.16 14.82 22.16
C PHE A 63 23.70 14.95 21.74
N VAL A 64 22.88 15.51 22.62
CA VAL A 64 21.55 16.03 22.28
C VAL A 64 21.69 17.52 22.03
N VAL A 65 21.26 17.97 20.87
CA VAL A 65 21.33 19.39 20.50
C VAL A 65 19.92 19.93 20.56
N LEU A 66 19.70 20.96 21.38
CA LEU A 66 18.37 21.49 21.63
C LEU A 66 18.18 22.83 20.90
N TYR A 67 17.00 23.00 20.31
CA TYR A 67 16.63 24.18 19.55
C TYR A 67 15.30 24.70 20.06
N GLU A 68 15.14 26.02 20.04
CA GLU A 68 13.86 26.63 20.43
C GLU A 68 12.89 26.78 19.25
N THR A 69 13.40 26.91 18.03
CA THR A 69 12.59 27.04 16.83
C THR A 69 13.10 26.09 15.75
N GLU A 70 12.22 25.79 14.80
CA GLU A 70 12.51 24.78 13.78
C GLU A 70 13.64 25.19 12.84
N ASP A 71 13.93 26.50 12.73
CA ASP A 71 15.02 26.99 11.89
C ASP A 71 16.09 27.75 12.67
N GLY A 72 16.11 27.63 14.00
CA GLY A 72 16.98 28.45 14.82
C GLY A 72 18.34 27.82 15.10
N MET A 73 19.10 28.53 15.92
CA MET A 73 20.41 28.10 16.36
CA MET A 73 20.42 28.11 16.37
C MET A 73 20.29 27.25 17.62
N PRO A 74 21.25 26.36 17.84
CA PRO A 74 21.24 25.56 19.08
C PRO A 74 21.23 26.46 20.31
N VAL A 75 20.37 26.13 21.28
CA VAL A 75 20.38 26.82 22.56
C VAL A 75 21.07 26.01 23.65
N LYS A 76 21.30 24.72 23.42
CA LYS A 76 21.93 23.83 24.40
C LYS A 76 22.48 22.63 23.65
N GLU A 77 23.65 22.15 24.08
CA GLU A 77 24.25 20.96 23.50
C GLU A 77 24.75 20.09 24.65
N LEU A 78 24.08 18.96 24.90
CA LEU A 78 24.34 18.20 26.11
C LEU A 78 24.94 16.84 25.78
N PRO A 79 26.06 16.47 26.39
CA PRO A 79 26.65 15.16 26.08
C PRO A 79 25.82 14.03 26.69
N MET A 80 25.70 12.95 25.93
CA MET A 80 25.03 11.75 26.41
C MET A 80 26.01 10.81 27.08
N LYS A 81 25.47 9.89 27.85
CA LYS A 81 26.24 8.89 28.58
C LYS A 81 26.19 7.57 27.82
N ARG A 82 27.35 6.93 27.65
CA ARG A 82 27.38 5.62 27.02
C ARG A 82 26.68 4.61 27.93
N ASP A 83 25.70 3.89 27.36
CA ASP A 83 24.83 3.01 28.13
C ASP A 83 24.98 1.58 27.61
N VAL A 84 23.96 0.73 27.79
CA VAL A 84 24.10 -0.69 27.47
C VAL A 84 23.90 -0.94 25.98
N GLN A 85 24.58 -1.98 25.48
CA GLN A 85 24.34 -2.59 24.17
C GLN A 85 24.31 -1.56 23.04
N GLY A 86 25.33 -0.70 23.02
CA GLY A 86 25.51 0.26 21.96
C GLY A 86 24.71 1.54 22.09
N THR A 87 23.93 1.72 23.15
CA THR A 87 23.09 2.90 23.25
C THR A 87 23.75 4.00 24.07
N TRP A 88 23.18 5.20 23.93
CA TRP A 88 23.54 6.40 24.66
C TRP A 88 22.28 6.92 25.33
N THR A 89 22.40 7.44 26.55
CA THR A 89 21.22 7.95 27.26
C THR A 89 21.47 9.35 27.78
N LEU A 90 20.37 10.06 28.03
CA LEU A 90 20.42 11.39 28.62
C LEU A 90 19.04 11.71 29.16
N THR A 91 18.98 12.21 30.39
CA THR A 91 17.75 12.81 30.89
C THR A 91 17.95 14.32 31.00
N VAL A 92 17.11 15.09 30.31
CA VAL A 92 17.15 16.55 30.39
C VAL A 92 16.10 16.97 31.41
N ALA A 93 16.57 17.52 32.54
CA ALA A 93 15.71 17.81 33.69
C ALA A 93 15.11 19.20 33.56
N GLU A 94 14.25 19.34 32.56
CA GLU A 94 13.47 20.55 32.39
C GLU A 94 12.25 20.19 31.53
N ASP A 95 11.31 21.12 31.47
CA ASP A 95 10.16 20.97 30.58
C ASP A 95 10.62 21.22 29.16
N CYS A 96 10.70 20.17 28.35
CA CYS A 96 11.20 20.29 26.99
C CYS A 96 10.09 20.50 25.97
N GLY A 97 8.83 20.64 26.42
CA GLY A 97 7.72 20.84 25.51
C GLY A 97 7.93 22.05 24.62
N GLY A 98 7.66 21.91 23.33
CA GLY A 98 7.86 22.99 22.39
C GLY A 98 9.27 23.12 21.86
N LEU A 99 10.22 22.32 22.37
CA LEU A 99 11.58 22.39 21.84
C LEU A 99 11.74 21.41 20.69
N PHE A 100 12.85 21.58 19.97
CA PHE A 100 13.27 20.68 18.91
C PHE A 100 14.63 20.10 19.26
N TYR A 101 14.96 18.95 18.68
CA TYR A 101 16.29 18.41 18.95
C TYR A 101 16.81 17.58 17.78
N THR A 102 18.13 17.43 17.76
CA THR A 102 18.84 16.48 16.92
C THR A 102 19.86 15.76 17.79
N TYR A 103 20.46 14.72 17.24
CA TYR A 103 21.65 14.12 17.84
C TYR A 103 22.87 14.55 17.06
N ARG A 104 23.98 14.75 17.76
CA ARG A 104 25.27 14.97 17.12
C ARG A 104 26.22 13.89 17.62
N VAL A 105 26.83 13.15 16.69
CA VAL A 105 27.73 12.06 17.04
C VAL A 105 29.08 12.32 16.39
N LYS A 106 30.12 11.73 17.00
CA LYS A 106 31.44 11.62 16.38
C LYS A 106 31.64 10.16 15.99
N VAL A 107 31.73 9.89 14.69
CA VAL A 107 32.02 8.55 14.19
C VAL A 107 33.27 8.66 13.34
N GLY A 108 34.33 7.94 13.73
CA GLY A 108 35.61 8.21 13.11
C GLY A 108 36.02 9.65 13.39
N GLU A 109 36.41 10.38 12.35
CA GLU A 109 36.77 11.78 12.47
C GLU A 109 35.63 12.73 12.13
N GLN A 110 34.47 12.21 11.79
CA GLN A 110 33.35 13.03 11.34
C GLN A 110 32.41 13.33 12.50
N TRP A 111 31.95 14.58 12.56
CA TRP A 111 30.84 14.95 13.43
C TRP A 111 29.60 15.09 12.57
N ASN A 112 28.55 14.34 12.92
CA ASN A 112 27.32 14.30 12.13
C ASN A 112 26.15 14.70 13.00
N GLU A 113 25.17 15.39 12.42
CA GLU A 113 23.98 15.81 13.12
C GLU A 113 22.77 15.19 12.42
N ALA A 114 21.82 14.65 13.20
CA ALA A 114 20.73 13.90 12.58
C ALA A 114 19.45 13.97 13.40
N VAL A 115 18.32 13.94 12.69
CA VAL A 115 17.03 13.73 13.33
C VAL A 115 17.00 12.35 13.99
N ASP A 116 16.25 12.23 15.08
CA ASP A 116 16.06 10.95 15.74
C ASP A 116 15.38 9.97 14.80
N PRO A 117 15.97 8.81 14.52
CA PRO A 117 15.26 7.81 13.70
C PRO A 117 13.91 7.45 14.27
N TYR A 118 13.76 7.56 15.60
CA TYR A 118 12.50 7.27 16.28
C TYR A 118 11.63 8.52 16.48
N ALA A 119 11.86 9.57 15.68
CA ALA A 119 11.04 10.77 15.74
C ALA A 119 9.56 10.43 15.57
N LYS A 120 8.72 10.98 16.45
CA LYS A 120 7.27 10.90 16.30
C LYS A 120 6.62 12.21 15.88
N ALA A 121 7.38 13.30 15.88
CA ALA A 121 6.94 14.60 15.41
C ALA A 121 8.18 15.34 14.94
N VAL A 122 8.01 16.20 13.92
CA VAL A 122 9.13 16.93 13.34
C VAL A 122 8.69 18.35 13.01
N GLY A 123 9.70 19.22 12.82
CA GLY A 123 9.49 20.54 12.25
C GLY A 123 9.30 20.46 10.75
N VAL A 124 9.09 21.63 10.13
CA VAL A 124 8.82 21.67 8.70
C VAL A 124 9.96 21.01 7.93
N ASN A 125 9.62 20.25 6.91
CA ASN A 125 10.54 19.48 6.08
C ASN A 125 11.39 18.48 6.86
N GLY A 126 11.02 18.16 8.10
CA GLY A 126 11.60 17.02 8.79
C GLY A 126 13.07 17.11 9.15
N THR A 127 13.58 18.32 9.41
CA THR A 127 15.01 18.53 9.66
C THR A 127 15.36 18.53 11.14
N LYS A 128 14.36 18.60 12.01
CA LYS A 128 14.58 18.55 13.45
C LYS A 128 13.47 17.71 14.06
N THR A 129 13.81 17.01 15.13
CA THR A 129 12.81 16.30 15.90
C THR A 129 12.05 17.28 16.80
N ALA A 130 10.73 17.13 16.86
CA ALA A 130 9.89 17.96 17.72
C ALA A 130 9.53 17.19 18.99
N ILE A 131 9.71 17.83 20.15
CA ILE A 131 9.32 17.24 21.42
C ILE A 131 7.87 17.60 21.70
N LEU A 132 7.06 16.60 22.01
CA LEU A 132 5.61 16.74 21.94
C LEU A 132 4.94 15.69 22.81
N ASP A 133 3.93 16.12 23.58
CA ASP A 133 3.03 15.19 24.27
C ASP A 133 2.00 14.70 23.26
N LEU A 134 2.17 13.48 22.76
CA LEU A 134 1.33 13.01 21.68
C LEU A 134 -0.12 12.80 22.11
N ARG A 135 -0.39 12.70 23.41
CA ARG A 135 -1.77 12.61 23.86
C ARG A 135 -2.56 13.87 23.55
N SER A 136 -1.87 15.01 23.42
CA SER A 136 -2.54 16.25 23.06
C SER A 136 -2.99 16.27 21.60
N THR A 137 -2.62 15.28 20.81
CA THR A 137 -2.97 15.22 19.40
C THR A 137 -4.15 14.31 19.12
N ASN A 138 -4.75 13.74 20.15
CA ASN A 138 -5.82 12.78 19.93
C ASN A 138 -7.14 13.51 19.71
N PRO A 139 -7.90 13.17 18.67
CA PRO A 139 -9.21 13.80 18.45
C PRO A 139 -10.16 13.49 19.60
N GLU A 140 -11.19 14.32 19.72
CA GLU A 140 -12.25 14.03 20.67
C GLU A 140 -12.87 12.67 20.37
N GLY A 141 -12.94 11.81 21.39
CA GLY A 141 -13.52 10.49 21.25
C GLY A 141 -12.60 9.43 20.70
N TRP A 142 -11.34 9.76 20.46
CA TRP A 142 -10.37 8.81 19.91
C TRP A 142 -10.34 7.51 20.69
N GLU A 143 -10.61 7.57 22.00
CA GLU A 143 -10.64 6.38 22.82
C GLU A 143 -11.75 5.43 22.41
N ASN A 144 -12.85 5.96 21.87
CA ASN A 144 -13.98 5.14 21.44
C ASN A 144 -13.89 4.72 19.98
N ASP A 145 -12.76 4.95 19.31
CA ASP A 145 -12.63 4.57 17.90
C ASP A 145 -12.81 3.06 17.75
N GLN A 146 -13.69 2.65 16.84
CA GLN A 146 -14.01 1.24 16.65
C GLN A 146 -13.88 0.86 15.17
N LYS A 147 -13.32 -0.33 14.91
CA LYS A 147 -13.10 -0.77 13.53
C LYS A 147 -14.37 -1.39 12.94
N PRO A 148 -14.62 -1.19 11.65
CA PRO A 148 -15.67 -1.96 11.00
C PRO A 148 -15.32 -3.43 10.97
N PRO A 149 -16.31 -4.32 11.06
CA PRO A 149 -16.01 -5.75 11.06
C PRO A 149 -15.36 -6.21 9.77
N LEU A 150 -14.55 -7.28 9.87
CA LEU A 150 -13.92 -7.89 8.69
C LEU A 150 -13.68 -9.37 9.00
N ALA A 151 -14.42 -10.26 8.34
CA ALA A 151 -14.37 -11.68 8.70
C ALA A 151 -13.25 -12.44 8.01
N SER A 152 -12.75 -11.92 6.90
CA SER A 152 -11.79 -12.64 6.06
C SER A 152 -11.09 -11.63 5.20
N PRO A 153 -9.80 -11.78 4.91
CA PRO A 153 -9.17 -10.93 3.90
C PRO A 153 -9.93 -10.94 2.57
N THR A 154 -10.54 -12.07 2.20
CA THR A 154 -11.30 -12.15 0.96
C THR A 154 -12.58 -11.31 0.98
N ASP A 155 -13.00 -10.80 2.13
CA ASP A 155 -14.14 -9.90 2.21
C ASP A 155 -13.75 -8.44 2.04
N ALA A 156 -12.47 -8.14 1.90
CA ALA A 156 -12.03 -6.78 1.70
C ALA A 156 -12.17 -6.39 0.24
N VAL A 157 -12.44 -5.12 0.00
CA VAL A 157 -12.38 -4.52 -1.34
C VAL A 157 -11.55 -3.28 -1.18
N ILE A 158 -10.33 -3.29 -1.73
CA ILE A 158 -9.33 -2.26 -1.47
C ILE A 158 -9.45 -1.19 -2.56
N TYR A 159 -9.35 0.07 -2.14
CA TYR A 159 -9.45 1.23 -3.03
C TYR A 159 -8.17 2.04 -2.84
N GLU A 160 -7.30 2.05 -3.86
CA GLU A 160 -5.97 2.65 -3.72
C GLU A 160 -6.02 4.12 -4.10
N LEU A 161 -5.59 5.01 -3.19
CA LEU A 161 -5.81 6.43 -3.32
C LEU A 161 -4.63 7.27 -2.82
N HIS A 162 -4.34 8.37 -3.52
CA HIS A 162 -3.33 9.35 -3.10
C HIS A 162 -4.06 10.55 -2.49
N VAL A 163 -3.55 11.04 -1.35
CA VAL A 163 -4.24 12.09 -0.60
C VAL A 163 -4.37 13.36 -1.43
N ARG A 164 -3.36 13.67 -2.25
CA ARG A 164 -3.47 14.88 -3.08
C ARG A 164 -4.44 14.66 -4.24
N ASP A 165 -4.37 13.49 -4.89
CA ASP A 165 -5.24 13.20 -6.02
C ASP A 165 -6.71 13.37 -5.64
N LEU A 166 -7.04 12.99 -4.42
CA LEU A 166 -8.44 12.88 -4.00
C LEU A 166 -9.20 14.18 -4.21
N SER A 167 -8.57 15.31 -3.90
CA SER A 167 -9.31 16.56 -3.72
C SER A 167 -8.73 17.75 -4.47
N ILE A 168 -7.60 17.61 -5.17
CA ILE A 168 -6.93 18.79 -5.71
C ILE A 168 -7.56 19.32 -7.00
N HIS A 169 -8.42 18.54 -7.66
CA HIS A 169 -9.10 19.05 -8.84
C HIS A 169 -9.95 20.27 -8.46
N PRO A 170 -9.97 21.32 -9.29
CA PRO A 170 -10.70 22.54 -8.91
C PRO A 170 -12.20 22.37 -8.72
N GLN A 171 -12.81 21.33 -9.28
CA GLN A 171 -14.24 21.08 -9.11
C GLN A 171 -14.52 19.93 -8.14
N SER A 172 -13.57 19.62 -7.26
CA SER A 172 -13.80 18.55 -6.30
C SER A 172 -14.87 18.92 -5.27
N GLY A 173 -15.13 20.21 -5.06
CA GLY A 173 -16.06 20.61 -4.02
C GLY A 173 -15.56 20.43 -2.61
N ILE A 174 -14.27 20.17 -2.45
CA ILE A 174 -13.64 19.89 -1.16
C ILE A 174 -12.84 21.12 -0.76
N ARG A 175 -12.99 21.57 0.48
CA ARG A 175 -12.34 22.81 0.89
C ARG A 175 -10.85 22.61 1.13
N GLU A 176 -10.48 21.57 1.89
CA GLU A 176 -9.08 21.35 2.24
C GLU A 176 -8.41 20.48 1.17
N LYS A 177 -8.23 21.09 0.00
CA LYS A 177 -7.73 20.38 -1.17
C LYS A 177 -6.29 19.94 -0.96
N GLY A 178 -6.02 18.66 -1.25
CA GLY A 178 -4.70 18.09 -1.10
C GLY A 178 -4.33 17.68 0.31
N LYS A 179 -5.25 17.79 1.26
CA LYS A 179 -4.95 17.56 2.67
C LYS A 179 -5.65 16.31 3.21
N PHE A 180 -5.08 15.75 4.30
CA PHE A 180 -5.76 14.69 5.04
C PHE A 180 -7.21 15.07 5.31
N LEU A 181 -7.44 16.31 5.75
CA LEU A 181 -8.78 16.72 6.16
C LEU A 181 -9.74 16.76 4.97
N GLY A 182 -9.22 16.84 3.74
CA GLY A 182 -10.09 16.80 2.58
C GLY A 182 -10.90 15.51 2.49
N LEU A 183 -10.35 14.41 2.99
CA LEU A 183 -11.06 13.14 2.99
C LEU A 183 -11.99 12.98 4.19
N THR A 184 -12.07 13.97 5.09
CA THR A 184 -13.07 13.94 6.15
C THR A 184 -14.34 14.72 5.81
N GLU A 185 -14.36 15.44 4.70
CA GLU A 185 -15.47 16.34 4.40
C GLU A 185 -16.63 15.54 3.80
N GLU A 186 -17.80 15.64 4.42
CA GLU A 186 -18.98 14.91 4.00
C GLU A 186 -19.90 15.84 3.22
N GLY A 187 -20.72 15.24 2.36
CA GLY A 187 -21.64 16.04 1.56
C GLY A 187 -20.96 16.93 0.55
N THR A 188 -19.78 16.56 0.06
CA THR A 188 -19.12 17.36 -0.95
C THR A 188 -19.68 17.01 -2.32
N ARG A 189 -19.74 18.01 -3.19
CA ARG A 189 -20.39 17.86 -4.49
C ARG A 189 -19.49 18.36 -5.61
N GLY A 190 -19.57 17.68 -6.75
CA GLY A 190 -18.81 18.04 -7.92
C GLY A 190 -19.67 18.58 -9.04
N PRO A 191 -19.16 18.50 -10.27
CA PRO A 191 -19.93 18.95 -11.43
C PRO A 191 -21.27 18.25 -11.52
N ASN A 192 -22.30 19.01 -11.92
CA ASN A 192 -23.68 18.53 -12.02
CA ASN A 192 -23.67 18.52 -12.02
C ASN A 192 -24.18 17.98 -10.68
N GLY A 193 -23.55 18.36 -9.58
CA GLY A 193 -24.01 17.95 -8.27
C GLY A 193 -23.66 16.53 -7.85
N ILE A 194 -22.73 15.86 -8.53
CA ILE A 194 -22.39 14.48 -8.16
C ILE A 194 -21.70 14.43 -6.80
N PRO A 195 -21.81 13.31 -6.09
CA PRO A 195 -20.99 13.13 -4.88
C PRO A 195 -19.53 13.00 -5.23
N THR A 196 -18.68 13.61 -4.41
CA THR A 196 -17.23 13.52 -4.55
C THR A 196 -16.62 13.11 -3.22
N GLY A 197 -15.30 12.89 -3.23
CA GLY A 197 -14.57 12.70 -1.99
C GLY A 197 -15.07 11.51 -1.20
N LEU A 198 -15.18 11.70 0.13
CA LEU A 198 -15.56 10.61 1.02
C LEU A 198 -16.92 10.02 0.64
N ASP A 199 -17.90 10.87 0.32
CA ASP A 199 -19.22 10.36 0.01
C ASP A 199 -19.21 9.51 -1.27
N HIS A 200 -18.38 9.88 -2.24
CA HIS A 200 -18.24 9.07 -3.44
C HIS A 200 -17.65 7.69 -3.09
N ILE A 201 -16.62 7.67 -2.25
CA ILE A 201 -15.93 6.42 -1.93
C ILE A 201 -16.83 5.50 -1.11
N THR A 202 -17.48 6.02 -0.06
CA THR A 202 -18.38 5.17 0.71
C THR A 202 -19.54 4.69 -0.14
N GLY A 203 -20.00 5.50 -1.09
CA GLY A 203 -21.08 5.09 -1.98
C GLY A 203 -20.73 3.92 -2.89
N LEU A 204 -19.43 3.69 -3.14
CA LEU A 204 -19.03 2.59 -4.01
C LEU A 204 -19.20 1.24 -3.31
N GLY A 205 -19.12 1.23 -1.99
CA GLY A 205 -19.14 -0.01 -1.25
C GLY A 205 -17.80 -0.65 -1.00
N VAL A 206 -16.69 0.04 -1.33
CA VAL A 206 -15.39 -0.48 -0.97
C VAL A 206 -15.28 -0.56 0.56
N THR A 207 -14.34 -1.38 1.03
CA THR A 207 -14.18 -1.60 2.46
C THR A 207 -12.91 -1.03 3.04
N HIS A 208 -11.86 -0.89 2.24
CA HIS A 208 -10.55 -0.42 2.70
C HIS A 208 -10.08 0.66 1.75
N VAL A 209 -9.58 1.77 2.30
CA VAL A 209 -8.86 2.77 1.53
C VAL A 209 -7.37 2.57 1.79
N GLN A 210 -6.63 2.27 0.72
CA GLN A 210 -5.18 2.11 0.81
C GLN A 210 -4.54 3.42 0.38
N LEU A 211 -3.83 4.07 1.30
CA LEU A 211 -3.31 5.40 1.03
C LEU A 211 -1.87 5.31 0.57
N LEU A 212 -1.57 5.99 -0.55
CA LEU A 212 -0.19 6.14 -0.98
C LEU A 212 0.59 6.84 0.13
N PRO A 213 1.93 6.75 0.11
CA PRO A 213 2.75 7.18 1.27
C PRO A 213 2.26 8.35 2.11
N ILE A 214 1.85 8.08 3.36
CA ILE A 214 1.48 9.16 4.29
C ILE A 214 2.51 9.37 5.38
N TYR A 215 3.57 8.57 5.41
CA TYR A 215 4.76 8.88 6.21
C TYR A 215 5.48 10.08 5.58
N ASP A 216 6.45 10.61 6.32
CA ASP A 216 7.14 11.83 5.91
C ASP A 216 8.17 11.53 4.84
N TYR A 217 7.96 12.03 3.63
CA TYR A 217 8.90 11.81 2.54
C TYR A 217 9.68 13.09 2.24
N SER A 218 10.65 12.96 1.32
CA SER A 218 11.74 13.92 1.24
C SER A 218 11.30 15.29 0.72
N GLN A 219 12.08 16.30 1.11
CA GLN A 219 11.86 17.66 0.62
C GLN A 219 12.08 17.76 -0.88
N GLU A 220 12.99 16.95 -1.43
CA GLU A 220 13.17 16.94 -2.88
C GLU A 220 11.89 16.53 -3.60
N SER A 221 11.07 15.70 -2.95
CA SER A 221 9.81 15.27 -3.55
C SER A 221 8.78 16.40 -3.50
N VAL A 222 8.51 16.90 -2.31
CA VAL A 222 7.60 18.02 -2.09
C VAL A 222 8.23 18.90 -1.02
N ASP A 223 8.46 20.16 -1.34
CA ASP A 223 9.02 21.11 -0.38
C ASP A 223 7.89 21.69 0.47
N GLU A 224 7.86 21.32 1.75
CA GLU A 224 6.78 21.69 2.65
C GLU A 224 6.76 23.17 2.99
N SER A 225 7.83 23.90 2.69
CA SER A 225 7.84 25.34 2.90
C SER A 225 7.43 26.14 1.66
N ARG A 226 7.13 25.46 0.55
CA ARG A 226 6.73 26.14 -0.70
C ARG A 226 5.45 25.55 -1.26
N LEU A 227 4.46 25.32 -0.40
CA LEU A 227 3.22 24.72 -0.85
C LEU A 227 2.32 25.69 -1.61
N ASP A 228 2.71 26.97 -1.70
CA ASP A 228 1.97 27.93 -2.51
C ASP A 228 2.35 27.87 -3.98
N GLU A 229 3.31 27.03 -4.36
CA GLU A 229 3.72 26.78 -5.73
C GLU A 229 3.36 25.35 -6.11
N PRO A 230 3.27 25.05 -7.41
CA PRO A 230 2.82 23.71 -7.82
C PRO A 230 3.71 22.60 -7.28
N HIS A 231 3.08 21.52 -6.85
CA HIS A 231 3.85 20.40 -6.32
C HIS A 231 3.05 19.12 -6.49
N TYR A 232 3.76 18.01 -6.59
CA TYR A 232 3.13 16.69 -6.62
C TYR A 232 4.20 15.62 -6.50
N ASN A 233 3.98 14.63 -5.64
CA ASN A 233 4.82 13.45 -5.69
C ASN A 233 4.08 12.29 -5.03
N TRP A 234 4.27 11.06 -5.56
CA TRP A 234 3.71 9.88 -4.90
C TRP A 234 4.23 9.75 -3.48
N GLY A 235 5.50 10.10 -3.27
CA GLY A 235 6.11 10.02 -1.96
C GLY A 235 6.90 8.77 -1.64
N TYR A 236 7.37 8.02 -2.63
CA TYR A 236 8.18 6.83 -2.37
C TYR A 236 9.64 7.18 -2.09
N ASP A 237 9.87 8.26 -1.31
CA ASP A 237 11.20 8.71 -0.91
C ASP A 237 11.24 8.93 0.59
N PRO A 238 11.34 7.86 1.38
CA PRO A 238 11.12 7.99 2.83
C PRO A 238 12.21 8.80 3.51
N GLN A 239 11.77 9.68 4.43
CA GLN A 239 12.70 10.45 5.25
C GLN A 239 12.50 10.19 6.73
N ASN A 240 11.28 10.38 7.27
CA ASN A 240 10.97 10.06 8.66
C ASN A 240 9.84 9.04 8.69
N TYR A 241 10.16 7.78 9.02
CA TYR A 241 9.22 6.68 8.87
C TYR A 241 8.04 6.74 9.84
N ASN A 242 8.18 7.41 10.99
CA ASN A 242 7.19 7.31 12.07
C ASN A 242 6.39 8.59 12.29
N VAL A 243 6.46 9.55 11.36
CA VAL A 243 5.69 10.80 11.46
CA VAL A 243 5.66 10.78 11.47
C VAL A 243 4.96 10.99 10.13
N PRO A 244 3.80 11.64 10.09
CA PRO A 244 3.10 11.84 8.82
C PRO A 244 3.80 12.88 7.94
N GLU A 245 3.40 12.87 6.67
CA GLU A 245 3.91 13.83 5.69
C GLU A 245 3.35 15.23 5.95
N GLY A 246 4.23 16.22 5.96
CA GLY A 246 3.81 17.56 6.34
C GLY A 246 2.93 18.24 5.31
N SER A 247 3.11 17.94 4.02
CA SER A 247 2.34 18.64 3.01
C SER A 247 0.88 18.24 2.98
N TYR A 248 0.49 17.16 3.66
CA TYR A 248 -0.91 16.81 3.76
C TYR A 248 -1.58 17.43 4.99
N SER A 249 -0.88 18.29 5.72
CA SER A 249 -1.45 18.96 6.87
CA SER A 249 -1.42 18.98 6.88
C SER A 249 -1.81 20.40 6.52
N THR A 250 -2.73 20.96 7.31
CA THR A 250 -3.08 22.37 7.11
C THR A 250 -1.96 23.31 7.54
N ASP A 251 -1.02 22.84 8.36
CA ASP A 251 0.09 23.68 8.81
C ASP A 251 1.33 22.83 9.00
N PRO A 252 2.18 22.74 7.97
CA PRO A 252 3.41 21.93 8.10
C PRO A 252 4.36 22.46 9.18
N HIS A 253 4.18 23.71 9.59
CA HIS A 253 5.05 24.35 10.58
C HIS A 253 4.61 24.09 12.01
N ASN A 254 3.48 23.44 12.22
CA ASN A 254 2.99 23.10 13.56
C ASN A 254 3.13 21.61 13.76
N PRO A 255 4.11 21.13 14.55
CA PRO A 255 4.36 19.67 14.62
C PRO A 255 3.13 18.82 14.91
N ALA A 256 2.20 19.33 15.71
CA ALA A 256 1.02 18.56 16.10
C ALA A 256 -0.04 18.49 15.01
N ALA A 257 -0.04 19.43 14.06
CA ALA A 257 -1.18 19.55 13.14
C ALA A 257 -1.32 18.31 12.26
N ARG A 258 -0.23 17.86 11.66
CA ARG A 258 -0.27 16.69 10.78
C ARG A 258 -0.67 15.42 11.55
N ILE A 259 -0.25 15.32 12.81
CA ILE A 259 -0.60 14.17 13.63
C ILE A 259 -2.09 14.17 13.95
N LEU A 260 -2.59 15.30 14.48
CA LEU A 260 -4.02 15.37 14.80
C LEU A 260 -4.88 15.15 13.56
N GLU A 261 -4.48 15.72 12.42
CA GLU A 261 -5.35 15.67 11.26
C GLU A 261 -5.38 14.28 10.62
N LEU A 262 -4.27 13.55 10.67
CA LEU A 262 -4.31 12.15 10.21
C LEU A 262 -5.20 11.32 11.12
N LYS A 263 -5.09 11.51 12.44
CA LYS A 263 -5.96 10.78 13.34
C LYS A 263 -7.43 11.11 13.08
N ARG A 264 -7.73 12.38 12.80
CA ARG A 264 -9.11 12.75 12.49
C ARG A 264 -9.60 12.06 11.22
N LEU A 265 -8.72 11.95 10.21
CA LEU A 265 -9.05 11.22 8.99
C LEU A 265 -9.36 9.75 9.29
N ILE A 266 -8.50 9.08 10.06
CA ILE A 266 -8.72 7.67 10.35
CA ILE A 266 -8.71 7.67 10.36
C ILE A 266 -9.99 7.48 11.15
N GLN A 267 -10.23 8.36 12.13
CA GLN A 267 -11.45 8.30 12.94
C GLN A 267 -12.70 8.39 12.07
N LYS A 268 -12.69 9.31 11.12
CA LYS A 268 -13.84 9.52 10.25
C LYS A 268 -14.05 8.34 9.31
N LEU A 269 -12.97 7.81 8.73
CA LEU A 269 -13.13 6.65 7.87
C LEU A 269 -13.74 5.48 8.64
N HIS A 270 -13.25 5.23 9.86
CA HIS A 270 -13.80 4.14 10.66
C HIS A 270 -15.28 4.36 10.95
N ALA A 271 -15.64 5.60 11.32
CA ALA A 271 -17.04 5.90 11.62
C ALA A 271 -17.92 5.75 10.40
N ARG A 272 -17.37 5.91 9.19
CA ARG A 272 -18.13 5.72 7.96
C ARG A 272 -17.98 4.32 7.39
N GLY A 273 -17.43 3.38 8.18
CA GLY A 273 -17.42 1.98 7.79
C GLY A 273 -16.25 1.54 6.96
N LEU A 274 -15.19 2.35 6.87
CA LEU A 274 -14.01 2.06 6.06
C LEU A 274 -12.81 1.78 6.95
N ARG A 275 -11.99 0.83 6.54
CA ARG A 275 -10.69 0.59 7.15
C ARG A 275 -9.59 1.26 6.32
N VAL A 276 -8.42 1.44 6.93
CA VAL A 276 -7.34 2.17 6.29
C VAL A 276 -6.11 1.27 6.20
N ILE A 277 -5.56 1.18 5.00
CA ILE A 277 -4.30 0.47 4.73
C ILE A 277 -3.24 1.49 4.41
N MET A 278 -2.08 1.37 5.05
CA MET A 278 -0.96 2.26 4.83
CA MET A 278 -0.97 2.27 4.81
C MET A 278 0.03 1.62 3.88
N ASP A 279 0.39 2.33 2.79
CA ASP A 279 1.49 1.93 1.92
C ASP A 279 2.80 2.25 2.64
N VAL A 280 3.62 1.23 2.90
CA VAL A 280 4.87 1.45 3.64
C VAL A 280 6.07 1.03 2.80
N VAL A 281 7.18 1.74 2.99
CA VAL A 281 8.33 1.66 2.09
C VAL A 281 9.58 1.46 2.93
N TYR A 282 9.67 0.30 3.59
CA TYR A 282 10.80 -0.03 4.45
C TYR A 282 11.98 -0.58 3.67
N ASN A 283 11.87 -0.66 2.34
CA ASN A 283 12.91 -1.28 1.54
C ASN A 283 14.02 -0.30 1.15
N HIS A 284 13.79 1.01 1.22
CA HIS A 284 14.83 1.99 0.88
C HIS A 284 14.52 3.32 1.55
N VAL A 285 15.54 4.20 1.57
CA VAL A 285 15.37 5.57 2.07
C VAL A 285 15.67 6.54 0.92
N TYR A 286 15.30 7.81 1.13
CA TYR A 286 15.37 8.77 0.01
C TYR A 286 16.81 8.99 -0.46
N ASP A 287 17.79 8.93 0.43
CA ASP A 287 19.18 9.16 0.05
C ASP A 287 20.07 8.46 1.06
N GLY A 288 20.81 7.44 0.59
CA GLY A 288 21.63 6.63 1.49
C GLY A 288 22.76 7.39 2.14
N TYR A 289 23.21 8.49 1.54
CA TYR A 289 24.27 9.29 2.13
C TYR A 289 23.78 10.28 3.17
N LEU A 290 22.56 10.81 2.99
CA LEU A 290 22.04 11.89 3.82
C LEU A 290 21.10 11.44 4.93
N ILE A 291 20.56 10.23 4.87
CA ILE A 291 19.57 9.77 5.85
C ILE A 291 20.18 9.71 7.26
N HIS A 292 19.32 9.94 8.26
CA HIS A 292 19.77 9.90 9.66
C HIS A 292 20.52 8.61 9.98
N PHE A 293 20.01 7.45 9.50
CA PHE A 293 20.68 6.17 9.73
C PHE A 293 22.17 6.24 9.40
N THR A 294 22.50 6.81 8.23
CA THR A 294 23.89 6.81 7.81
C THR A 294 24.71 7.84 8.58
N LYS A 295 24.08 8.92 9.04
CA LYS A 295 24.82 9.89 9.85
C LYS A 295 25.11 9.34 11.24
N LEU A 296 24.20 8.55 11.79
CA LEU A 296 24.34 8.09 13.16
C LEU A 296 25.11 6.79 13.27
N VAL A 297 24.83 5.81 12.40
CA VAL A 297 25.55 4.53 12.42
C VAL A 297 25.94 4.15 11.00
N PRO A 298 26.91 4.82 10.39
CA PRO A 298 27.21 4.53 8.99
C PRO A 298 27.61 3.07 8.79
N GLY A 299 27.05 2.48 7.73
CA GLY A 299 27.38 1.13 7.35
C GLY A 299 26.48 0.06 7.92
N TYR A 300 25.52 0.41 8.78
CA TYR A 300 24.72 -0.61 9.44
C TYR A 300 23.33 -0.80 8.82
N TYR A 301 22.57 0.29 8.65
CA TYR A 301 21.14 0.17 8.40
C TYR A 301 20.82 -0.13 6.94
N LEU A 302 21.77 0.07 6.04
CA LEU A 302 21.60 -0.16 4.61
C LEU A 302 22.49 -1.32 4.16
N ARG A 303 22.10 -1.94 3.04
CA ARG A 303 22.82 -3.11 2.54
C ARG A 303 23.99 -2.71 1.67
N TYR A 304 25.12 -3.39 1.86
CA TYR A 304 26.33 -3.14 1.09
C TYR A 304 26.77 -4.41 0.37
N LYS A 305 27.28 -4.25 -0.84
CA LYS A 305 27.95 -5.35 -1.51
C LYS A 305 29.30 -5.61 -0.85
N ALA A 306 29.93 -6.72 -1.26
CA ALA A 306 31.24 -7.10 -0.70
C ALA A 306 32.28 -6.00 -0.89
N ASP A 307 32.18 -5.22 -1.95
CA ASP A 307 33.12 -4.14 -2.23
C ASP A 307 32.74 -2.82 -1.55
N ARG A 308 31.82 -2.87 -0.58
CA ARG A 308 31.40 -1.72 0.23
C ARG A 308 30.67 -0.63 -0.56
N THR A 309 30.11 -0.94 -1.72
CA THR A 309 29.16 -0.05 -2.37
C THR A 309 27.73 -0.50 -2.02
N PHE A 310 26.80 0.43 -2.16
CA PHE A 310 25.39 0.14 -1.88
C PHE A 310 24.88 -0.97 -2.80
N SER A 311 24.15 -1.92 -2.22
CA SER A 311 23.28 -2.77 -3.04
C SER A 311 22.08 -1.94 -3.49
N ASP A 312 21.78 -1.99 -4.78
CA ASP A 312 20.78 -1.13 -5.40
C ASP A 312 19.70 -1.95 -6.10
N GLY A 313 19.23 -3.02 -5.45
CA GLY A 313 18.19 -3.84 -6.06
C GLY A 313 16.84 -3.16 -6.14
N THR A 314 16.64 -2.08 -5.38
CA THR A 314 15.40 -1.32 -5.42
C THR A 314 15.31 -0.41 -6.63
N PHE A 315 16.42 -0.21 -7.35
CA PHE A 315 16.56 0.81 -8.38
C PHE A 315 16.36 2.22 -7.83
N CYS A 316 16.43 2.39 -6.50
CA CYS A 316 16.31 3.70 -5.89
C CYS A 316 17.62 4.20 -5.27
N GLY A 317 18.71 3.44 -5.41
CA GLY A 317 20.01 3.85 -4.92
C GLY A 317 20.48 3.12 -3.69
N ASN A 318 19.58 2.49 -2.94
CA ASN A 318 19.96 1.84 -1.69
C ASN A 318 18.87 0.84 -1.31
N GLU A 319 19.21 -0.04 -0.36
CA GLU A 319 18.27 -0.99 0.24
C GLU A 319 18.45 -0.97 1.75
N CYS A 320 17.33 -1.03 2.47
CA CYS A 320 17.41 -1.15 3.91
C CYS A 320 17.79 -2.58 4.28
N ALA A 321 18.71 -2.71 5.23
CA ALA A 321 19.21 -4.01 5.67
C ALA A 321 18.28 -4.59 6.74
N SER A 322 17.08 -4.96 6.29
CA SER A 322 16.04 -5.47 7.18
C SER A 322 16.46 -6.71 7.95
N GLU A 323 17.43 -7.47 7.43
CA GLU A 323 17.87 -8.70 8.09
C GLU A 323 18.81 -8.45 9.27
N ARG A 324 19.28 -7.21 9.45
CA ARG A 324 20.16 -7.02 10.59
C ARG A 324 19.33 -6.67 11.83
N PRO A 325 19.70 -7.23 12.99
CA PRO A 325 18.79 -7.23 14.14
C PRO A 325 18.20 -5.88 14.53
N ILE A 326 19.01 -4.82 14.50
CA ILE A 326 18.53 -3.52 14.96
C ILE A 326 17.65 -2.86 13.91
N MET A 327 17.85 -3.18 12.62
CA MET A 327 16.93 -2.66 11.60
C MET A 327 15.64 -3.45 11.59
N ARG A 328 15.72 -4.77 11.79
CA ARG A 328 14.49 -5.56 11.98
C ARG A 328 13.66 -4.99 13.12
N LYS A 329 14.32 -4.73 14.26
CA LYS A 329 13.64 -4.13 15.41
C LYS A 329 13.00 -2.78 15.03
N TYR A 330 13.74 -1.96 14.27
CA TYR A 330 13.24 -0.66 13.86
C TYR A 330 11.95 -0.80 13.04
N ILE A 331 11.98 -1.67 12.02
CA ILE A 331 10.82 -1.84 11.14
C ILE A 331 9.61 -2.33 11.94
N ILE A 332 9.82 -3.33 12.80
CA ILE A 332 8.71 -3.87 13.60
C ILE A 332 8.14 -2.80 14.51
N GLU A 333 9.01 -2.05 15.20
CA GLU A 333 8.52 -1.04 16.13
C GLU A 333 7.84 0.12 15.39
N SER A 334 8.26 0.37 14.16
CA SER A 334 7.60 1.38 13.35
C SER A 334 6.17 0.95 13.00
N ILE A 335 6.01 -0.28 12.51
CA ILE A 335 4.68 -0.79 12.19
C ILE A 335 3.78 -0.77 13.42
N LEU A 336 4.31 -1.19 14.57
CA LEU A 336 3.50 -1.20 15.79
C LEU A 336 3.15 0.22 16.22
N HIS A 337 4.02 1.19 15.97
CA HIS A 337 3.71 2.58 16.23
C HIS A 337 2.50 3.04 15.42
N TRP A 338 2.49 2.73 14.12
CA TRP A 338 1.35 3.14 13.30
C TRP A 338 0.06 2.44 13.75
N VAL A 339 0.14 1.18 14.15
CA VAL A 339 -1.06 0.49 14.63
C VAL A 339 -1.54 1.09 15.95
N ARG A 340 -0.64 1.27 16.90
CA ARG A 340 -1.04 1.72 18.24
CA ARG A 340 -1.05 1.72 18.23
C ARG A 340 -1.38 3.20 18.27
N GLU A 341 -0.58 4.03 17.61
CA GLU A 341 -0.79 5.48 17.70
C GLU A 341 -1.87 5.95 16.74
N TYR A 342 -1.93 5.37 15.55
CA TYR A 342 -2.83 5.89 14.51
C TYR A 342 -3.99 4.95 14.18
N HIS A 343 -4.07 3.76 14.81
CA HIS A 343 -5.19 2.81 14.64
C HIS A 343 -5.29 2.30 13.20
N ILE A 344 -4.14 2.14 12.54
CA ILE A 344 -4.10 1.69 11.15
C ILE A 344 -4.52 0.23 11.07
N ASP A 345 -5.21 -0.13 9.97
CA ASP A 345 -5.88 -1.41 9.80
C ASP A 345 -5.15 -2.36 8.84
N GLY A 346 -4.02 -1.95 8.29
CA GLY A 346 -3.35 -2.82 7.34
C GLY A 346 -2.19 -2.09 6.73
N PHE A 347 -1.33 -2.87 6.08
CA PHE A 347 -0.11 -2.35 5.50
C PHE A 347 0.09 -3.00 4.14
N ARG A 348 0.51 -2.18 3.17
CA ARG A 348 0.92 -2.67 1.85
C ARG A 348 2.41 -2.41 1.73
N PHE A 349 3.19 -3.48 1.58
CA PHE A 349 4.65 -3.38 1.63
C PHE A 349 5.20 -3.19 0.22
N ASP A 350 5.65 -1.97 -0.06
CA ASP A 350 6.39 -1.68 -1.28
C ASP A 350 7.61 -2.59 -1.38
N LEU A 351 7.84 -3.16 -2.57
CA LEU A 351 8.99 -4.02 -2.86
C LEU A 351 9.27 -4.97 -1.71
N MET A 352 8.26 -5.78 -1.40
CA MET A 352 8.36 -6.67 -0.25
C MET A 352 9.46 -7.72 -0.46
N GLY A 353 9.78 -8.04 -1.71
CA GLY A 353 10.85 -8.98 -2.02
C GLY A 353 12.23 -8.51 -1.62
N MET A 354 12.36 -7.23 -1.25
CA MET A 354 13.57 -6.68 -0.68
C MET A 354 13.63 -6.83 0.84
N ILE A 355 12.56 -7.30 1.46
CA ILE A 355 12.53 -7.50 2.90
C ILE A 355 12.71 -8.98 3.18
N ASP A 356 13.35 -9.32 4.30
CA ASP A 356 13.61 -10.73 4.55
C ASP A 356 12.41 -11.41 5.18
N ILE A 357 12.33 -12.72 4.95
CA ILE A 357 11.18 -13.52 5.38
C ILE A 357 11.01 -13.50 6.89
N GLU A 358 12.12 -13.60 7.63
CA GLU A 358 12.01 -13.60 9.09
CA GLU A 358 12.00 -13.60 9.08
C GLU A 358 11.37 -12.32 9.60
N THR A 359 11.75 -11.18 9.00
CA THR A 359 11.14 -9.92 9.42
C THR A 359 9.65 -9.89 9.10
N MET A 360 9.29 -10.29 7.88
CA MET A 360 7.88 -10.25 7.51
C MET A 360 7.04 -11.18 8.38
N ASN A 361 7.57 -12.36 8.70
CA ASN A 361 6.78 -13.28 9.52
C ASN A 361 6.65 -12.77 10.95
N GLU A 362 7.68 -12.10 11.46
CA GLU A 362 7.57 -11.51 12.79
C GLU A 362 6.57 -10.38 12.80
N ILE A 363 6.55 -9.55 11.76
CA ILE A 363 5.50 -8.53 11.64
C ILE A 363 4.13 -9.17 11.70
N ARG A 364 3.91 -10.20 10.87
CA ARG A 364 2.60 -10.84 10.83
C ARG A 364 2.24 -11.46 12.18
N ARG A 365 3.23 -12.03 12.86
CA ARG A 365 2.98 -12.62 14.17
C ARG A 365 2.60 -11.55 15.20
N ARG A 366 3.35 -10.44 15.24
CA ARG A 366 3.08 -9.40 16.23
CA ARG A 366 3.06 -9.43 16.25
C ARG A 366 1.73 -8.74 15.98
N LEU A 367 1.36 -8.58 14.70
CA LEU A 367 0.06 -8.00 14.39
C LEU A 367 -1.08 -8.94 14.79
N ASP A 368 -0.90 -10.24 14.57
CA ASP A 368 -1.92 -11.21 14.96
C ASP A 368 -2.17 -11.20 16.46
N GLU A 369 -1.14 -10.91 17.25
CA GLU A 369 -1.34 -10.79 18.69
C GLU A 369 -2.26 -9.62 19.03
N ILE A 370 -2.24 -8.57 18.20
CA ILE A 370 -3.05 -7.37 18.43
C ILE A 370 -4.44 -7.55 17.86
N ASP A 371 -4.51 -7.86 16.57
CA ASP A 371 -5.76 -7.98 15.83
C ASP A 371 -5.51 -8.78 14.56
N PRO A 372 -5.90 -10.05 14.53
CA PRO A 372 -5.66 -10.86 13.31
C PRO A 372 -6.27 -10.28 12.04
N THR A 373 -7.27 -9.40 12.14
CA THR A 373 -7.92 -8.85 10.95
C THR A 373 -7.13 -7.71 10.31
N ILE A 374 -6.06 -7.25 10.93
CA ILE A 374 -5.15 -6.31 10.27
C ILE A 374 -4.56 -6.97 9.02
N LEU A 375 -4.63 -6.27 7.89
CA LEU A 375 -4.19 -6.82 6.60
CA LEU A 375 -4.19 -6.83 6.61
C LEU A 375 -2.70 -6.60 6.41
N THR A 376 -2.03 -7.59 5.78
CA THR A 376 -0.64 -7.42 5.35
C THR A 376 -0.56 -7.94 3.93
N ILE A 377 -0.32 -7.02 2.99
CA ILE A 377 -0.14 -7.38 1.58
C ILE A 377 1.13 -6.69 1.07
N GLY A 378 1.65 -7.16 -0.06
CA GLY A 378 2.86 -6.52 -0.56
C GLY A 378 3.19 -6.90 -1.98
N GLU A 379 4.17 -6.18 -2.53
CA GLU A 379 4.74 -6.45 -3.86
C GLU A 379 5.78 -7.54 -3.72
N GLY A 380 5.38 -8.79 -3.92
CA GLY A 380 6.33 -9.87 -3.77
C GLY A 380 7.09 -10.19 -5.03
N TRP A 381 7.64 -9.18 -5.71
CA TRP A 381 8.36 -9.44 -6.95
C TRP A 381 9.71 -10.09 -6.69
N MET A 382 10.12 -10.94 -7.64
CA MET A 382 11.44 -11.59 -7.61
C MET A 382 12.48 -10.64 -8.18
N MET A 383 13.33 -10.10 -7.30
CA MET A 383 14.28 -9.08 -7.72
C MET A 383 15.62 -9.38 -7.09
N GLU A 384 16.70 -9.11 -7.82
CA GLU A 384 18.02 -9.43 -7.32
C GLU A 384 18.46 -8.43 -6.25
N THR A 385 19.26 -8.92 -5.32
CA THR A 385 19.76 -8.14 -4.19
C THR A 385 20.90 -8.92 -3.55
N VAL A 386 21.68 -8.25 -2.71
CA VAL A 386 22.66 -9.00 -1.94
C VAL A 386 22.01 -9.90 -0.90
N LEU A 387 20.74 -9.64 -0.55
CA LEU A 387 20.01 -10.53 0.35
C LEU A 387 19.85 -11.90 -0.32
N PRO A 388 20.29 -12.99 0.31
CA PRO A 388 20.23 -14.31 -0.34
C PRO A 388 18.82 -14.67 -0.78
N LYS A 389 18.73 -15.42 -1.89
CA LYS A 389 17.44 -15.67 -2.52
C LYS A 389 16.46 -16.36 -1.58
N GLU A 390 16.94 -17.31 -0.77
CA GLU A 390 16.00 -18.05 0.07
C GLU A 390 15.43 -17.22 1.21
N LEU A 391 15.95 -16.02 1.44
CA LEU A 391 15.42 -15.14 2.48
C LEU A 391 14.51 -14.04 1.94
N ARG A 392 14.33 -13.94 0.62
CA ARG A 392 13.54 -12.83 0.07
C ARG A 392 12.05 -13.10 0.22
N ALA A 393 11.31 -12.09 0.70
CA ALA A 393 9.87 -12.28 0.93
C ALA A 393 9.11 -11.98 -0.36
N ASN A 394 9.19 -12.92 -1.31
CA ASN A 394 8.58 -12.75 -2.64
C ASN A 394 7.78 -13.99 -3.01
N GLN A 395 7.21 -13.97 -4.24
CA GLN A 395 6.31 -15.04 -4.68
C GLN A 395 6.98 -16.41 -4.64
N ASP A 396 8.27 -16.48 -4.98
CA ASP A 396 8.96 -17.75 -5.01
C ASP A 396 8.98 -18.40 -3.63
N ASN A 397 8.89 -17.59 -2.57
CA ASN A 397 8.91 -18.08 -1.21
C ASN A 397 7.56 -17.93 -0.51
N ALA A 398 6.45 -17.90 -1.28
CA ALA A 398 5.16 -17.61 -0.66
C ALA A 398 4.73 -18.68 0.35
N GLU A 399 5.16 -19.92 0.17
CA GLU A 399 4.80 -20.96 1.13
C GLU A 399 5.41 -20.72 2.50
N LYS A 400 6.45 -19.90 2.60
CA LYS A 400 7.06 -19.51 3.85
C LYS A 400 6.45 -18.27 4.50
N LEU A 401 5.45 -17.65 3.86
CA LEU A 401 4.88 -16.38 4.31
C LEU A 401 3.37 -16.52 4.50
N PRO A 402 2.93 -17.34 5.46
CA PRO A 402 1.49 -17.60 5.58
C PRO A 402 0.74 -16.35 5.98
N GLY A 403 -0.40 -16.14 5.34
CA GLY A 403 -1.28 -15.04 5.67
C GLY A 403 -0.89 -13.70 5.09
N ILE A 404 0.17 -13.64 4.28
CA ILE A 404 0.61 -12.40 3.65
C ILE A 404 0.20 -12.42 2.19
N GLY A 405 -0.53 -11.39 1.77
CA GLY A 405 -1.01 -11.31 0.40
C GLY A 405 0.00 -10.65 -0.51
N MET A 406 0.01 -11.10 -1.76
CA MET A 406 0.90 -10.60 -2.82
C MET A 406 0.10 -10.24 -4.05
N PHE A 407 0.48 -9.15 -4.69
CA PHE A 407 -0.19 -8.74 -5.92
C PHE A 407 0.02 -9.81 -6.99
N ASN A 408 -1.08 -10.25 -7.60
CA ASN A 408 -1.04 -11.31 -8.60
C ASN A 408 -0.80 -10.69 -9.96
N ASP A 409 0.47 -10.57 -10.34
CA ASP A 409 0.79 -9.97 -11.62
C ASP A 409 0.46 -10.89 -12.78
N GLY A 410 0.42 -12.21 -12.53
CA GLY A 410 0.05 -13.12 -13.61
C GLY A 410 -1.36 -12.87 -14.10
N MET A 411 -2.29 -12.68 -13.17
CA MET A 411 -3.66 -12.41 -13.60
CA MET A 411 -3.68 -12.37 -13.51
C MET A 411 -3.79 -11.00 -14.16
N ARG A 412 -3.07 -10.03 -13.60
CA ARG A 412 -3.07 -8.67 -14.14
C ARG A 412 -2.74 -8.66 -15.63
N ASP A 413 -1.61 -9.27 -16.01
CA ASP A 413 -1.17 -9.29 -17.40
C ASP A 413 -2.06 -10.18 -18.26
N ALA A 414 -2.59 -11.28 -17.71
CA ALA A 414 -3.48 -12.11 -18.52
C ALA A 414 -4.73 -11.35 -18.92
N VAL A 415 -5.26 -10.52 -18.01
CA VAL A 415 -6.52 -9.84 -18.25
C VAL A 415 -6.34 -8.69 -19.23
N LYS A 416 -5.39 -7.79 -18.98
CA LYS A 416 -5.31 -6.58 -19.80
C LYS A 416 -4.12 -6.53 -20.75
N GLY A 417 -3.21 -7.50 -20.70
CA GLY A 417 -2.04 -7.47 -21.55
C GLY A 417 -0.80 -7.01 -20.81
N ASP A 418 0.35 -7.33 -21.40
CA ASP A 418 1.65 -7.03 -20.79
C ASP A 418 1.78 -5.56 -20.44
N ILE A 419 2.10 -5.27 -19.17
CA ILE A 419 2.24 -3.87 -18.75
C ILE A 419 3.51 -3.23 -19.28
N PHE A 420 4.51 -4.03 -19.71
CA PHE A 420 5.75 -3.46 -20.22
C PHE A 420 5.84 -3.43 -21.74
N ILE A 421 4.93 -4.07 -22.46
CA ILE A 421 4.82 -3.94 -23.91
C ILE A 421 3.48 -3.27 -24.16
N PHE A 422 3.49 -1.95 -24.35
CA PHE A 422 2.24 -1.19 -24.20
C PHE A 422 1.18 -1.63 -25.20
N ASP A 423 1.57 -2.00 -26.42
CA ASP A 423 0.56 -2.32 -27.41
C ASP A 423 0.12 -3.78 -27.41
N ARG A 424 0.64 -4.61 -26.50
CA ARG A 424 0.31 -6.03 -26.50
C ARG A 424 -1.07 -6.26 -25.89
N LYS A 425 -1.93 -6.97 -26.63
CA LYS A 425 -3.27 -7.29 -26.14
C LYS A 425 -3.22 -8.38 -25.08
N GLY A 426 -4.30 -8.44 -24.30
CA GLY A 426 -4.53 -9.51 -23.34
C GLY A 426 -5.90 -10.14 -23.57
N PHE A 427 -6.46 -10.77 -22.54
CA PHE A 427 -7.74 -11.46 -22.69
C PHE A 427 -8.86 -10.50 -23.09
N ILE A 428 -9.00 -9.37 -22.40
CA ILE A 428 -10.17 -8.50 -22.64
C ILE A 428 -10.12 -7.89 -24.03
N SER A 429 -8.93 -7.70 -24.59
CA SER A 429 -8.76 -7.01 -25.85
C SER A 429 -8.60 -7.95 -27.04
N GLY A 430 -8.89 -9.23 -26.86
CA GLY A 430 -8.90 -10.16 -27.96
C GLY A 430 -7.59 -10.80 -28.32
N GLY A 431 -6.57 -10.72 -27.45
CA GLY A 431 -5.37 -11.51 -27.65
C GLY A 431 -5.64 -13.00 -27.55
N ASP A 432 -4.80 -13.78 -28.23
CA ASP A 432 -4.95 -15.23 -28.24
C ASP A 432 -4.17 -15.89 -27.11
N GLY A 433 -4.79 -16.86 -26.46
CA GLY A 433 -4.06 -17.73 -25.55
C GLY A 433 -3.97 -17.27 -24.11
N PHE A 434 -4.83 -16.34 -23.68
CA PHE A 434 -4.78 -15.82 -22.32
C PHE A 434 -5.80 -16.45 -21.38
N GLU A 435 -6.59 -17.41 -21.86
CA GLU A 435 -7.69 -17.93 -21.06
C GLU A 435 -7.19 -18.63 -19.81
N ASP A 436 -6.12 -19.42 -19.92
CA ASP A 436 -5.63 -20.13 -18.74
C ASP A 436 -5.05 -19.17 -17.72
N GLY A 437 -4.45 -18.07 -18.16
CA GLY A 437 -3.98 -17.07 -17.21
C GLY A 437 -5.12 -16.46 -16.42
N VAL A 438 -6.25 -16.19 -17.10
CA VAL A 438 -7.42 -15.69 -16.40
C VAL A 438 -7.95 -16.75 -15.43
N LYS A 439 -7.99 -18.02 -15.86
CA LYS A 439 -8.46 -19.08 -14.98
C LYS A 439 -7.60 -19.22 -13.73
N ARG A 440 -6.27 -19.10 -13.89
CA ARG A 440 -5.38 -19.18 -12.72
C ARG A 440 -5.73 -18.12 -11.68
N GLY A 441 -6.06 -16.91 -12.14
CA GLY A 441 -6.46 -15.86 -11.23
C GLY A 441 -7.85 -16.05 -10.65
N VAL A 442 -8.79 -16.58 -11.44
CA VAL A 442 -10.13 -16.89 -10.93
C VAL A 442 -10.04 -17.78 -9.71
N ALA A 443 -9.13 -18.76 -9.75
CA ALA A 443 -8.96 -19.72 -8.67
C ALA A 443 -8.17 -19.14 -7.50
N GLY A 444 -7.87 -17.83 -7.53
CA GLY A 444 -7.16 -17.19 -6.46
C GLY A 444 -5.68 -17.49 -6.42
N GLY A 445 -5.09 -17.90 -7.54
CA GLY A 445 -3.65 -18.15 -7.59
C GLY A 445 -3.20 -19.41 -6.89
N ILE A 446 -4.12 -20.24 -6.41
CA ILE A 446 -3.74 -21.44 -5.66
C ILE A 446 -3.27 -22.55 -6.60
N ASN A 447 -2.84 -23.68 -6.03
CA ASN A 447 -2.58 -24.88 -6.82
C ASN A 447 -3.91 -25.58 -7.04
N TYR A 448 -4.62 -25.16 -8.08
CA TYR A 448 -5.96 -25.67 -8.33
C TYR A 448 -5.92 -27.07 -8.90
N GLY A 449 -5.08 -27.30 -9.88
CA GLY A 449 -4.92 -28.61 -10.49
C GLY A 449 -4.41 -28.43 -11.91
N GLY A 450 -3.69 -29.44 -12.40
CA GLY A 450 -3.10 -29.34 -13.73
C GLY A 450 -2.15 -28.18 -13.82
N GLN A 451 -2.22 -27.46 -14.95
CA GLN A 451 -1.42 -26.25 -15.15
C GLN A 451 -2.04 -25.02 -14.49
N LEU A 452 -3.21 -25.15 -13.87
CA LEU A 452 -3.86 -24.04 -13.18
C LEU A 452 -3.27 -23.96 -11.78
N ARG A 453 -2.11 -23.31 -11.70
CA ARG A 453 -1.47 -23.12 -10.41
C ARG A 453 -0.63 -21.86 -10.46
N GLN A 454 -0.60 -21.12 -9.34
CA GLN A 454 0.34 -20.02 -9.18
C GLN A 454 1.06 -20.14 -7.85
N PHE A 455 1.41 -19.02 -7.22
CA PHE A 455 2.27 -19.04 -6.05
C PHE A 455 1.51 -19.20 -4.74
N ALA A 456 0.19 -19.00 -4.74
CA ALA A 456 -0.56 -18.93 -3.50
C ALA A 456 -0.81 -20.32 -2.92
N VAL A 457 -0.64 -20.44 -1.61
CA VAL A 457 -1.08 -21.65 -0.93
C VAL A 457 -2.57 -21.55 -0.63
N GLU A 458 -3.02 -20.37 -0.19
CA GLU A 458 -4.38 -20.06 0.16
C GLU A 458 -4.80 -18.78 -0.56
N PRO A 459 -6.09 -18.62 -0.86
CA PRO A 459 -6.51 -17.45 -1.64
C PRO A 459 -6.28 -16.13 -0.92
N VAL A 460 -6.09 -16.14 0.39
CA VAL A 460 -5.74 -14.88 1.08
C VAL A 460 -4.38 -14.36 0.68
N GLN A 461 -3.59 -15.16 -0.03
CA GLN A 461 -2.28 -14.72 -0.48
C GLN A 461 -2.29 -14.05 -1.85
N SER A 462 -3.46 -13.91 -2.48
CA SER A 462 -3.54 -13.39 -3.84
C SER A 462 -4.38 -12.13 -3.90
N VAL A 463 -3.77 -11.02 -4.29
CA VAL A 463 -4.46 -9.75 -4.46
C VAL A 463 -4.64 -9.55 -5.96
N ASN A 464 -5.90 -9.47 -6.40
CA ASN A 464 -6.26 -9.34 -7.81
C ASN A 464 -6.48 -7.88 -8.20
N TYR A 465 -5.91 -7.47 -9.33
CA TYR A 465 -6.00 -6.08 -9.74
C TYR A 465 -5.69 -5.95 -11.22
N VAL A 466 -6.25 -4.92 -11.85
CA VAL A 466 -5.93 -4.61 -13.23
C VAL A 466 -5.53 -3.14 -13.36
N GLU A 467 -5.39 -2.46 -12.23
CA GLU A 467 -4.95 -1.08 -12.24
C GLU A 467 -4.39 -0.74 -10.87
N CYS A 468 -3.32 0.05 -10.85
CA CYS A 468 -2.79 0.61 -9.62
C CYS A 468 -2.07 1.91 -9.99
N HIS A 469 -1.40 2.51 -9.02
CA HIS A 469 -0.72 3.78 -9.31
C HIS A 469 0.40 3.61 -10.32
N ASP A 470 1.06 2.44 -10.32
CA ASP A 470 2.15 2.14 -11.23
C ASP A 470 1.64 1.82 -12.63
N ASN A 471 2.46 2.17 -13.63
CA ASN A 471 2.21 1.79 -15.03
C ASN A 471 0.95 2.46 -15.56
N HIS A 472 0.56 2.15 -16.80
CA HIS A 472 -0.59 2.84 -17.37
C HIS A 472 -1.87 2.47 -16.63
N THR A 473 -2.80 3.41 -16.56
CA THR A 473 -4.14 3.04 -16.10
C THR A 473 -4.75 2.00 -17.05
N LEU A 474 -5.76 1.30 -16.57
CA LEU A 474 -6.42 0.29 -17.39
C LEU A 474 -6.96 0.90 -18.68
N TRP A 475 -7.60 2.06 -18.56
CA TRP A 475 -8.08 2.76 -19.75
C TRP A 475 -6.93 3.09 -20.71
N ASP A 476 -5.82 3.62 -20.19
CA ASP A 476 -4.74 4.02 -21.10
C ASP A 476 -4.07 2.80 -21.72
N LYS A 477 -3.96 1.70 -20.97
CA LYS A 477 -3.42 0.46 -21.53
C LYS A 477 -4.32 -0.09 -22.63
N ILE A 478 -5.64 -0.08 -22.41
CA ILE A 478 -6.57 -0.53 -23.46
C ILE A 478 -6.40 0.33 -24.71
N GLU A 479 -6.27 1.64 -24.54
CA GLU A 479 -6.12 2.51 -25.71
C GLU A 479 -4.86 2.14 -26.52
N LEU A 480 -3.74 1.93 -25.83
CA LEU A 480 -2.49 1.62 -26.50
C LEU A 480 -2.47 0.24 -27.13
N SER A 481 -3.29 -0.70 -26.65
CA SER A 481 -3.29 -2.05 -27.18
C SER A 481 -4.46 -2.34 -28.12
N THR A 482 -5.35 -1.38 -28.36
CA THR A 482 -6.48 -1.57 -29.27
C THR A 482 -6.58 -0.42 -30.27
N PRO A 483 -5.52 -0.15 -31.03
CA PRO A 483 -5.55 1.03 -31.92
C PRO A 483 -6.70 1.01 -32.92
N GLY A 484 -7.18 -0.16 -33.33
CA GLY A 484 -8.29 -0.22 -34.26
C GLY A 484 -9.68 -0.19 -33.68
N ALA A 485 -9.83 -0.02 -32.38
CA ALA A 485 -11.14 -0.14 -31.73
C ALA A 485 -11.75 1.23 -31.46
N SER A 486 -13.09 1.25 -31.39
CA SER A 486 -13.81 2.46 -31.01
C SER A 486 -13.79 2.61 -29.50
N ASP A 487 -14.05 3.83 -29.03
CA ASP A 487 -14.07 4.05 -27.58
C ASP A 487 -15.21 3.27 -26.93
N GLU A 488 -16.30 3.04 -27.65
CA GLU A 488 -17.39 2.24 -27.09
C GLU A 488 -16.99 0.79 -26.91
N GLU A 489 -16.21 0.24 -27.84
CA GLU A 489 -15.68 -1.11 -27.66
C GLU A 489 -14.68 -1.14 -26.50
N ARG A 490 -13.90 -0.08 -26.36
CA ARG A 490 -12.90 -0.03 -25.29
C ARG A 490 -13.56 0.02 -23.91
N ARG A 491 -14.67 0.76 -23.79
CA ARG A 491 -15.38 0.82 -22.51
C ARG A 491 -15.91 -0.56 -22.12
N ALA A 492 -16.33 -1.36 -23.10
CA ALA A 492 -16.80 -2.71 -22.75
C ALA A 492 -15.65 -3.58 -22.26
N MET A 493 -14.46 -3.45 -22.86
CA MET A 493 -13.28 -4.17 -22.37
C MET A 493 -12.93 -3.74 -20.95
N HIS A 494 -12.99 -2.44 -20.69
CA HIS A 494 -12.70 -1.90 -19.35
C HIS A 494 -13.64 -2.52 -18.31
N ARG A 495 -14.95 -2.49 -18.60
CA ARG A 495 -15.92 -3.05 -17.66
C ARG A 495 -15.68 -4.54 -17.43
N LEU A 496 -15.28 -5.27 -18.47
CA LEU A 496 -15.02 -6.70 -18.32
C LEU A 496 -13.85 -6.94 -17.38
N ALA A 497 -12.77 -6.15 -17.53
CA ALA A 497 -11.62 -6.30 -16.66
C ALA A 497 -11.99 -6.07 -15.19
N SER A 498 -12.82 -5.06 -14.92
CA SER A 498 -13.24 -4.82 -13.54
C SER A 498 -14.07 -5.98 -13.00
N ALA A 499 -14.93 -6.53 -13.85
CA ALA A 499 -15.77 -7.65 -13.42
C ALA A 499 -14.93 -8.88 -13.10
N ILE A 500 -13.84 -9.10 -13.84
CA ILE A 500 -12.98 -10.25 -13.58
C ILE A 500 -12.32 -10.12 -12.20
N VAL A 501 -11.84 -8.92 -11.87
CA VAL A 501 -11.25 -8.69 -10.55
C VAL A 501 -12.28 -8.99 -9.45
N LEU A 502 -13.52 -8.52 -9.60
CA LEU A 502 -14.47 -8.61 -8.50
C LEU A 502 -15.19 -9.95 -8.43
N THR A 503 -15.04 -10.83 -9.43
CA THR A 503 -15.63 -12.17 -9.35
C THR A 503 -14.60 -13.27 -9.23
N SER A 504 -13.32 -12.93 -9.04
CA SER A 504 -12.26 -13.92 -8.84
C SER A 504 -12.04 -14.18 -7.35
N GLN A 505 -11.61 -15.39 -7.02
CA GLN A 505 -11.22 -15.69 -5.65
C GLN A 505 -9.98 -14.89 -5.28
N GLY A 506 -9.82 -14.59 -3.99
CA GLY A 506 -8.69 -13.80 -3.52
C GLY A 506 -9.17 -12.46 -3.01
N ILE A 507 -8.31 -11.43 -3.06
CA ILE A 507 -8.62 -10.14 -2.47
C ILE A 507 -8.72 -9.10 -3.60
N PRO A 508 -9.89 -8.53 -3.87
CA PRO A 508 -10.00 -7.58 -4.98
C PRO A 508 -9.43 -6.22 -4.62
N PHE A 509 -8.76 -5.62 -5.60
CA PHE A 509 -8.03 -4.36 -5.43
C PHE A 509 -8.37 -3.46 -6.61
N LEU A 510 -8.85 -2.26 -6.32
CA LEU A 510 -9.23 -1.26 -7.32
C LEU A 510 -8.39 0.00 -7.14
N HIS A 511 -8.01 0.61 -8.25
CA HIS A 511 -7.33 1.90 -8.22
C HIS A 511 -8.37 3.01 -8.20
N ALA A 512 -8.17 4.01 -7.33
CA ALA A 512 -9.12 5.14 -7.31
C ALA A 512 -9.29 5.72 -8.71
N GLY A 513 -10.53 5.87 -9.13
CA GLY A 513 -10.82 6.37 -10.45
C GLY A 513 -11.01 5.31 -11.51
N GLN A 514 -10.65 4.06 -11.23
CA GLN A 514 -10.97 2.97 -12.14
C GLN A 514 -12.46 2.93 -12.44
N GLU A 515 -13.29 3.29 -11.44
CA GLU A 515 -14.74 3.31 -11.61
C GLU A 515 -15.19 4.30 -12.69
N PHE A 516 -14.43 5.37 -12.96
CA PHE A 516 -14.80 6.28 -14.05
C PHE A 516 -13.73 6.30 -15.15
N MET A 517 -13.08 5.15 -15.35
CA MET A 517 -12.15 4.94 -16.46
CA MET A 517 -12.16 4.95 -16.47
C MET A 517 -11.03 5.98 -16.47
N ARG A 518 -10.44 6.19 -15.29
CA ARG A 518 -9.39 7.18 -15.09
C ARG A 518 -8.31 7.10 -16.16
N THR A 519 -7.93 8.26 -16.68
CA THR A 519 -6.85 8.38 -17.65
C THR A 519 -5.79 9.31 -17.10
N LYS A 520 -4.54 9.05 -17.47
CA LYS A 520 -3.42 9.94 -17.21
C LYS A 520 -2.87 10.50 -18.52
N GLY A 521 -3.68 10.50 -19.58
CA GLY A 521 -3.23 11.00 -20.86
C GLY A 521 -2.12 10.19 -21.49
N GLY A 522 -2.01 8.91 -21.14
CA GLY A 522 -0.99 8.04 -21.67
C GLY A 522 0.30 8.03 -20.89
N VAL A 523 0.39 8.77 -19.78
CA VAL A 523 1.60 8.78 -18.98
C VAL A 523 1.74 7.43 -18.29
N GLU A 524 2.92 6.81 -18.44
CA GLU A 524 3.17 5.47 -17.92
C GLU A 524 3.56 5.50 -16.44
N ASN A 525 4.42 6.44 -16.03
CA ASN A 525 4.97 6.49 -14.68
C ASN A 525 4.80 7.91 -14.14
N SER A 526 3.68 8.17 -13.47
CA SER A 526 3.28 9.54 -13.15
C SER A 526 3.74 10.03 -11.76
N TYR A 527 4.80 9.43 -11.18
CA TYR A 527 5.19 9.69 -9.80
C TYR A 527 5.45 11.17 -9.50
N LYS A 528 5.91 11.95 -10.48
CA LYS A 528 6.14 13.37 -10.21
C LYS A 528 5.49 14.24 -11.29
N SER A 529 4.57 13.68 -12.06
CA SER A 529 3.80 14.45 -13.01
C SER A 529 2.89 15.45 -12.29
N PRO A 530 2.54 16.55 -12.95
CA PRO A 530 1.75 17.59 -12.29
C PRO A 530 0.33 17.11 -11.99
N ILE A 531 -0.38 17.93 -11.20
CA ILE A 531 -1.72 17.53 -10.76
C ILE A 531 -2.66 17.34 -11.95
N GLU A 532 -2.43 18.06 -13.06
CA GLU A 532 -3.31 17.89 -14.21
C GLU A 532 -3.27 16.47 -14.76
N VAL A 533 -2.20 15.72 -14.49
CA VAL A 533 -2.08 14.32 -14.87
C VAL A 533 -2.65 13.42 -13.79
N ASN A 534 -2.46 13.78 -12.52
CA ASN A 534 -2.66 12.85 -11.42
C ASN A 534 -3.95 13.05 -10.63
N TRP A 535 -4.70 14.13 -10.84
CA TRP A 535 -5.85 14.33 -9.97
C TRP A 535 -6.97 13.34 -10.30
N LEU A 536 -7.81 13.07 -9.30
CA LEU A 536 -9.10 12.45 -9.57
C LEU A 536 -9.95 13.48 -10.30
N ASP A 537 -10.23 13.21 -11.57
CA ASP A 537 -10.89 14.19 -12.43
C ASP A 537 -12.39 14.09 -12.19
N TRP A 538 -12.93 14.96 -11.32
CA TRP A 538 -14.34 14.83 -10.97
C TRP A 538 -15.26 15.26 -12.11
N GLU A 539 -14.76 15.99 -13.10
CA GLU A 539 -15.53 16.22 -14.32
C GLU A 539 -15.72 14.92 -15.10
N ARG A 540 -14.66 14.13 -15.24
CA ARG A 540 -14.78 12.83 -15.89
C ARG A 540 -15.72 11.93 -15.08
N CYS A 541 -15.58 11.93 -13.75
CA CYS A 541 -16.47 11.16 -12.91
C CYS A 541 -17.93 11.54 -13.16
N ALA A 542 -18.20 12.85 -13.29
CA ALA A 542 -19.56 13.29 -13.58
C ALA A 542 -20.05 12.82 -14.94
N ALA A 543 -19.16 12.69 -15.92
CA ALA A 543 -19.56 12.19 -17.23
C ALA A 543 -19.65 10.67 -17.30
N HIS A 544 -19.23 9.96 -16.26
CA HIS A 544 -19.16 8.49 -16.26
C HIS A 544 -19.99 7.88 -15.13
N GLN A 545 -21.10 8.51 -14.75
CA GLN A 545 -21.86 8.04 -13.59
C GLN A 545 -22.45 6.66 -13.81
N ASP A 546 -22.77 6.31 -15.06
CA ASP A 546 -23.23 4.94 -15.34
C ASP A 546 -22.13 3.94 -15.07
N ASP A 547 -20.89 4.24 -15.52
CA ASP A 547 -19.76 3.35 -15.24
C ASP A 547 -19.49 3.25 -13.74
N VAL A 548 -19.68 4.35 -13.00
CA VAL A 548 -19.52 4.31 -11.55
C VAL A 548 -20.57 3.38 -10.94
N SER A 549 -21.80 3.48 -11.43
CA SER A 549 -22.86 2.62 -10.93
CA SER A 549 -22.88 2.63 -10.94
C SER A 549 -22.61 1.17 -11.29
N TYR A 550 -21.98 0.91 -12.43
CA TYR A 550 -21.64 -0.46 -12.78
C TYR A 550 -20.63 -1.04 -11.79
N MET A 551 -19.59 -0.26 -11.46
CA MET A 551 -18.64 -0.70 -10.46
C MET A 551 -19.31 -0.93 -9.10
N ARG A 552 -20.15 0.02 -8.68
CA ARG A 552 -20.91 -0.16 -7.45
C ARG A 552 -21.71 -1.46 -7.50
N SER A 553 -22.33 -1.76 -8.64
CA SER A 553 -23.15 -2.97 -8.75
CA SER A 553 -23.14 -2.97 -8.74
C SER A 553 -22.30 -4.23 -8.74
N LEU A 554 -21.07 -4.17 -9.27
CA LEU A 554 -20.16 -5.32 -9.19
C LEU A 554 -19.75 -5.58 -7.75
N ILE A 555 -19.43 -4.51 -7.03
CA ILE A 555 -19.03 -4.66 -5.63
C ILE A 555 -20.18 -5.23 -4.82
N ALA A 556 -21.41 -4.78 -5.11
CA ALA A 556 -22.57 -5.31 -4.42
C ALA A 556 -22.79 -6.79 -4.74
N LEU A 557 -22.56 -7.18 -6.00
CA LEU A 557 -22.71 -8.59 -6.37
C LEU A 557 -21.75 -9.47 -5.58
N ARG A 558 -20.50 -9.03 -5.43
CA ARG A 558 -19.53 -9.83 -4.67
C ARG A 558 -19.93 -9.91 -3.21
N LYS A 559 -20.44 -8.82 -2.64
CA LYS A 559 -20.88 -8.85 -1.24
C LYS A 559 -22.08 -9.77 -1.07
N ALA A 560 -22.95 -9.83 -2.05
CA ALA A 560 -24.14 -10.66 -1.94
C ALA A 560 -23.82 -12.14 -2.10
N HIS A 561 -22.62 -12.50 -2.57
CA HIS A 561 -22.33 -13.88 -2.92
C HIS A 561 -21.02 -14.32 -2.29
N PRO A 562 -21.07 -14.90 -1.09
CA PRO A 562 -19.85 -15.44 -0.47
C PRO A 562 -19.15 -16.50 -1.31
N ALA A 563 -19.80 -17.08 -2.32
CA ALA A 563 -19.12 -18.06 -3.18
C ALA A 563 -17.93 -17.43 -3.89
N PHE A 564 -17.95 -16.11 -4.10
CA PHE A 564 -16.82 -15.39 -4.69
C PHE A 564 -15.71 -15.12 -3.69
N ARG A 565 -15.92 -15.44 -2.41
CA ARG A 565 -15.02 -14.99 -1.35
C ARG A 565 -14.53 -16.17 -0.51
N LEU A 566 -14.35 -17.34 -1.13
CA LEU A 566 -14.01 -18.54 -0.37
C LEU A 566 -12.71 -18.35 0.40
N LYS A 567 -12.70 -18.81 1.66
CA LYS A 567 -11.56 -18.50 2.52
C LYS A 567 -10.40 -19.48 2.36
N THR A 568 -10.62 -20.67 1.81
CA THR A 568 -9.58 -21.67 1.76
C THR A 568 -9.44 -22.27 0.37
N ALA A 569 -8.24 -22.79 0.12
CA ALA A 569 -7.96 -23.45 -1.15
C ALA A 569 -8.72 -24.76 -1.28
N ASP A 570 -8.89 -25.48 -0.16
CA ASP A 570 -9.68 -26.71 -0.22
C ASP A 570 -11.10 -26.43 -0.68
N GLU A 571 -11.69 -25.32 -0.24
CA GLU A 571 -13.06 -24.99 -0.67
C GLU A 571 -13.10 -24.65 -2.15
N ILE A 572 -12.09 -23.92 -2.63
CA ILE A 572 -12.01 -23.59 -4.05
C ILE A 572 -11.90 -24.86 -4.88
N ARG A 573 -11.02 -25.77 -4.47
CA ARG A 573 -10.88 -27.01 -5.24
C ARG A 573 -12.16 -27.83 -5.21
N ALA A 574 -12.93 -27.74 -4.12
CA ALA A 574 -14.15 -28.54 -4.00
C ALA A 574 -15.34 -27.95 -4.74
N HIS A 575 -15.37 -26.63 -4.93
CA HIS A 575 -16.58 -25.96 -5.41
C HIS A 575 -16.42 -25.29 -6.76
N LEU A 576 -15.24 -24.81 -7.10
CA LEU A 576 -15.00 -24.14 -8.38
C LEU A 576 -14.75 -25.17 -9.48
N ARG A 577 -15.48 -25.04 -10.59
CA ARG A 577 -15.31 -25.93 -11.74
C ARG A 577 -15.26 -25.09 -13.00
N PHE A 578 -14.26 -25.32 -13.85
CA PHE A 578 -14.19 -24.59 -15.12
C PHE A 578 -14.95 -25.36 -16.18
N GLU A 579 -15.70 -24.64 -16.99
CA GLU A 579 -16.56 -25.25 -17.98
C GLU A 579 -15.93 -25.13 -19.35
N ALA A 580 -16.29 -26.04 -20.25
CA ALA A 580 -15.79 -25.93 -21.62
C ALA A 580 -16.32 -24.64 -22.25
N ALA A 581 -15.41 -23.86 -22.86
CA ALA A 581 -15.75 -22.53 -23.36
C ALA A 581 -14.93 -22.23 -24.61
N PRO A 582 -15.47 -21.42 -25.53
CA PRO A 582 -14.77 -21.15 -26.81
C PRO A 582 -13.62 -20.17 -26.63
N PRO A 583 -12.76 -20.02 -27.64
CA PRO A 583 -11.69 -19.01 -27.55
C PRO A 583 -12.22 -17.63 -27.21
N HIS A 584 -11.40 -16.88 -26.45
CA HIS A 584 -11.72 -15.53 -26.01
C HIS A 584 -12.90 -15.50 -25.03
N THR A 585 -13.20 -16.63 -24.40
CA THR A 585 -14.14 -16.64 -23.28
C THR A 585 -13.56 -17.52 -22.19
N VAL A 586 -14.09 -17.34 -20.99
CA VAL A 586 -13.83 -18.19 -19.83
C VAL A 586 -15.16 -18.39 -19.14
N ALA A 587 -15.49 -19.63 -18.78
CA ALA A 587 -16.74 -19.91 -18.11
C ALA A 587 -16.49 -20.84 -16.92
N PHE A 588 -17.09 -20.54 -15.78
CA PHE A 588 -16.91 -21.42 -14.64
C PHE A 588 -18.19 -21.45 -13.82
N THR A 589 -18.30 -22.50 -13.00
CA THR A 589 -19.37 -22.57 -12.01
C THR A 589 -18.77 -22.61 -10.62
N LEU A 590 -19.53 -22.07 -9.67
CA LEU A 590 -19.27 -22.23 -8.24
C LEU A 590 -20.45 -23.03 -7.71
N ARG A 591 -20.19 -24.28 -7.32
CA ARG A 591 -21.27 -25.25 -7.15
C ARG A 591 -21.58 -25.47 -5.67
N ASP A 592 -22.84 -25.86 -5.42
CA ASP A 592 -23.29 -26.39 -4.12
C ASP A 592 -23.10 -25.39 -2.97
N HIS A 593 -23.82 -24.28 -3.07
CA HIS A 593 -23.88 -23.26 -2.01
C HIS A 593 -22.49 -22.93 -1.48
N ALA A 594 -21.56 -22.66 -2.40
CA ALA A 594 -20.16 -22.48 -2.02
C ALA A 594 -20.00 -21.33 -1.03
N GLY A 595 -19.30 -21.58 0.07
CA GLY A 595 -19.03 -20.53 1.05
C GLY A 595 -20.26 -20.02 1.76
N GLY A 596 -21.37 -20.74 1.63
CA GLY A 596 -22.61 -20.29 2.22
C GLY A 596 -23.45 -19.45 1.30
N ASP A 597 -23.20 -19.52 0.00
CA ASP A 597 -23.97 -18.74 -0.95
C ASP A 597 -25.44 -19.09 -0.85
N PRO A 598 -26.36 -18.12 -0.94
CA PRO A 598 -27.79 -18.45 -0.88
C PRO A 598 -28.27 -19.27 -2.06
N ASP A 599 -27.66 -19.11 -3.24
CA ASP A 599 -28.07 -19.88 -4.40
C ASP A 599 -27.37 -21.23 -4.43
N ARG A 600 -28.05 -22.22 -5.02
CA ARG A 600 -27.47 -23.56 -5.15
C ARG A 600 -26.19 -23.55 -5.98
N HIS A 601 -26.21 -22.89 -7.13
CA HIS A 601 -25.06 -22.84 -8.02
C HIS A 601 -24.98 -21.46 -8.66
N LEU A 602 -23.76 -21.02 -8.95
CA LEU A 602 -23.53 -19.85 -9.80
C LEU A 602 -22.79 -20.26 -11.08
N TYR A 603 -23.09 -19.55 -12.17
CA TYR A 603 -22.37 -19.70 -13.42
C TYR A 603 -21.87 -18.33 -13.81
N VAL A 604 -20.60 -18.23 -14.20
CA VAL A 604 -20.00 -16.96 -14.56
C VAL A 604 -19.37 -17.08 -15.94
N LEU A 605 -19.68 -16.14 -16.83
CA LEU A 605 -19.11 -16.09 -18.17
C LEU A 605 -18.33 -14.79 -18.32
N TYR A 606 -17.04 -14.90 -18.66
CA TYR A 606 -16.26 -13.76 -19.11
C TYR A 606 -16.19 -13.81 -20.61
N ASN A 607 -16.86 -12.89 -21.29
CA ASN A 607 -16.99 -12.97 -22.74
C ASN A 607 -16.21 -11.83 -23.39
N ALA A 608 -15.09 -12.15 -24.03
CA ALA A 608 -14.33 -11.17 -24.79
C ALA A 608 -14.58 -11.26 -26.28
N ASN A 609 -15.61 -12.00 -26.69
CA ASN A 609 -15.98 -12.20 -28.09
C ASN A 609 -17.11 -11.24 -28.44
N PRO A 610 -16.96 -10.37 -29.44
CA PRO A 610 -17.99 -9.33 -29.64
C PRO A 610 -19.26 -9.82 -30.34
N GLY A 611 -19.24 -10.97 -30.98
CA GLY A 611 -20.37 -11.44 -31.76
C GLY A 611 -21.40 -12.21 -30.93
N ALA A 612 -22.21 -12.99 -31.64
CA ALA A 612 -23.25 -13.82 -31.02
C ALA A 612 -22.73 -15.24 -30.81
N LEU A 613 -22.97 -15.79 -29.62
CA LEU A 613 -22.63 -17.18 -29.30
C LEU A 613 -23.84 -17.89 -28.68
N SER A 614 -23.92 -19.18 -28.91
CA SER A 614 -24.80 -20.09 -28.18
C SER A 614 -23.92 -21.04 -27.39
N LEU A 615 -24.03 -21.01 -26.06
CA LEU A 615 -23.14 -21.75 -25.18
C LEU A 615 -23.91 -22.83 -24.43
N GLU A 616 -23.28 -23.97 -24.23
CA GLU A 616 -23.87 -25.02 -23.41
C GLU A 616 -23.69 -24.69 -21.93
N LEU A 617 -24.74 -24.91 -21.15
CA LEU A 617 -24.66 -24.71 -19.72
C LEU A 617 -24.70 -26.05 -19.01
N PRO A 618 -24.01 -26.20 -17.88
CA PRO A 618 -24.09 -27.47 -17.14
C PRO A 618 -25.51 -27.69 -16.62
N ALA A 619 -25.92 -28.95 -16.61
CA ALA A 619 -27.27 -29.34 -16.19
C ALA A 619 -27.31 -29.41 -14.67
N LEU A 620 -27.46 -28.25 -14.04
CA LEU A 620 -27.46 -28.15 -12.59
C LEU A 620 -28.79 -27.64 -12.04
N GLY A 621 -29.78 -27.41 -12.89
CA GLY A 621 -31.06 -26.89 -12.44
C GLY A 621 -31.52 -25.68 -13.25
N PRO A 622 -32.60 -25.04 -12.81
CA PRO A 622 -33.18 -23.94 -13.60
C PRO A 622 -32.41 -22.63 -13.46
N TRP A 623 -31.52 -22.37 -14.40
CA TRP A 623 -30.69 -21.17 -14.35
C TRP A 623 -31.55 -19.92 -14.51
N GLU A 624 -31.16 -18.83 -13.83
CA GLU A 624 -31.75 -17.52 -14.04
C GLU A 624 -30.69 -16.43 -14.03
N VAL A 625 -30.99 -15.34 -14.71
CA VAL A 625 -30.00 -14.27 -14.87
C VAL A 625 -29.92 -13.43 -13.60
N ARG A 626 -28.70 -13.22 -13.11
CA ARG A 626 -28.47 -12.35 -11.96
C ARG A 626 -27.67 -11.09 -12.30
N PHE A 627 -26.78 -11.16 -13.28
CA PHE A 627 -25.96 -10.01 -13.65
C PHE A 627 -25.63 -10.11 -15.13
N GLY A 628 -25.61 -8.97 -15.82
CA GLY A 628 -25.22 -8.97 -17.21
C GLY A 628 -26.33 -9.35 -18.16
N GLY A 629 -27.59 -9.20 -17.76
CA GLY A 629 -28.71 -9.49 -18.64
C GLY A 629 -28.72 -8.67 -19.91
N GLU A 630 -28.04 -7.51 -19.91
CA GLU A 630 -27.92 -6.73 -21.15
C GLU A 630 -27.23 -7.52 -22.26
N HIS A 631 -26.47 -8.56 -21.91
CA HIS A 631 -25.76 -9.39 -22.87
C HIS A 631 -26.50 -10.69 -23.22
N VAL A 632 -27.60 -10.98 -22.56
CA VAL A 632 -28.25 -12.28 -22.65
C VAL A 632 -29.47 -12.17 -23.56
N LEU A 633 -29.44 -12.90 -24.68
CA LEU A 633 -30.58 -12.92 -25.60
C LEU A 633 -31.63 -13.91 -25.15
N ALA A 634 -31.21 -15.03 -24.57
CA ALA A 634 -32.15 -16.04 -24.13
C ALA A 634 -31.44 -17.00 -23.19
N LEU A 635 -32.23 -17.58 -22.29
CA LEU A 635 -31.80 -18.63 -21.39
C LEU A 635 -32.73 -19.79 -21.64
N GLU A 636 -32.23 -20.81 -22.33
CA GLU A 636 -33.04 -21.97 -22.73
C GLU A 636 -32.92 -23.06 -21.68
N ALA A 637 -34.06 -23.62 -21.28
CA ALA A 637 -34.10 -24.66 -20.26
C ALA A 637 -33.68 -26.01 -20.85
N GLY A 658 -29.32 -30.03 -21.72
CA GLY A 658 -29.77 -29.28 -22.87
C GLY A 658 -29.93 -27.78 -22.63
N ALA A 659 -29.57 -27.34 -21.43
CA ALA A 659 -29.62 -25.92 -21.10
C ALA A 659 -28.60 -25.14 -21.92
N ARG A 660 -29.00 -23.99 -22.44
CA ARG A 660 -28.12 -23.20 -23.28
C ARG A 660 -28.31 -21.72 -23.01
N LEU A 661 -27.26 -20.96 -23.28
CA LEU A 661 -27.24 -19.52 -23.07
C LEU A 661 -26.93 -18.84 -24.40
N GLU A 662 -27.82 -17.96 -24.84
CA GLU A 662 -27.60 -17.16 -26.04
C GLU A 662 -27.09 -15.79 -25.62
N VAL A 663 -25.87 -15.44 -26.02
CA VAL A 663 -25.25 -14.18 -25.60
C VAL A 663 -24.73 -13.41 -26.80
N ARG A 664 -24.56 -12.12 -26.59
CA ARG A 664 -23.91 -11.28 -27.58
C ARG A 664 -23.20 -10.14 -26.86
N GLY A 665 -21.96 -9.89 -27.21
CA GLY A 665 -21.36 -8.69 -26.67
C GLY A 665 -20.33 -8.99 -25.59
N VAL A 666 -19.34 -8.11 -25.51
CA VAL A 666 -18.22 -8.23 -24.57
C VAL A 666 -18.69 -7.85 -23.17
N GLY A 667 -18.52 -8.75 -22.22
CA GLY A 667 -18.86 -8.45 -20.85
C GLY A 667 -19.05 -9.70 -20.03
N VAL A 668 -19.42 -9.49 -18.77
CA VAL A 668 -19.63 -10.59 -17.83
C VAL A 668 -21.11 -10.90 -17.72
N VAL A 669 -21.43 -12.19 -17.63
CA VAL A 669 -22.78 -12.66 -17.30
C VAL A 669 -22.67 -13.56 -16.07
N VAL A 670 -23.59 -13.38 -15.13
CA VAL A 670 -23.70 -14.28 -13.98
C VAL A 670 -25.11 -14.85 -13.95
N LEU A 671 -25.19 -16.18 -13.90
CA LEU A 671 -26.45 -16.91 -13.72
C LEU A 671 -26.44 -17.62 -12.36
N ALA A 672 -27.62 -17.99 -11.90
CA ALA A 672 -27.73 -18.72 -10.64
C ALA A 672 -28.84 -19.75 -10.75
N VAL A 673 -28.66 -20.87 -10.06
CA VAL A 673 -29.75 -21.79 -9.76
C VAL A 673 -30.20 -21.49 -8.33
N PRO A 674 -31.43 -21.05 -8.12
CA PRO A 674 -31.87 -20.73 -6.76
C PRO A 674 -31.97 -21.99 -5.89
N ARG A 675 -31.94 -21.76 -4.58
CA ARG A 675 -32.09 -22.87 -3.64
C ARG A 675 -33.42 -23.59 -3.86
#